data_3TAD
#
_entry.id   3TAD
#
_cell.length_a   141.880
_cell.length_b   141.880
_cell.length_c   181.059
_cell.angle_alpha   90.000
_cell.angle_beta   90.000
_cell.angle_gamma   120.000
#
_symmetry.space_group_name_H-M   'P 61'
#
loop_
_entity.id
_entity.type
_entity.pdbx_description
1 polymer Liprin-alpha-2
2 polymer Liprin-beta-1
3 non-polymer GLYCEROL
4 water water
#
loop_
_entity_poly.entity_id
_entity_poly.type
_entity_poly.pdbx_seq_one_letter_code
_entity_poly.pdbx_strand_id
1 'polypeptide(L)'
;GPGSEFGKLGTQAEKDRRLKKKHELLEEARRKGLPFAQWDGPTVVAWLELWLGMPAWYVAACRANVKSGAIMSALSDTEI
QREIGISNPLHRLKLRLAIQEMVSLTSPSAPPTSRTTLAYGDMNHEWIGNEWLPSLGLPQYRSYFMECLVDARMLDHLTK
KDLRVHLKMVDSFHRTSLQYGIMCLKRLNYDRKELERRREASQHEIKDVLVWSNDRVIRWIQAIGLREYANNILESGVHG
SLIALDENFDYSSLALLLQIPTQNTQARQILEREYNNLLALGTERRLDESDDKNFRR
;
A,B
2 'polypeptide(L)'
;GPGSGQSNSDLDMPFAKWTKEQVCSWLAEQGLGSYLSSGKHWIISGQTLLQASQQDLEKELGIKHSLHRKKLQLALQALG
SEEETNYGKLDFNWVTRWLDDIGLPQYKTQFDEGRVDGRMLHYMTVDDLLSLKVVSVLHHLSIKRAIQVLRINNFEPNCL
RRRPSDENSITPSEVQQWTNHRVMEWLRSVDLAEYAPNLRGSGVHGGLMVLEPRFNVETMAQLLNIPPNKTLLRRHLATH
FNLLIGAEAQHQKRDAMELPDYVLL
;
C,D
#
loop_
_chem_comp.id
_chem_comp.type
_chem_comp.name
_chem_comp.formula
GOL non-polymer GLYCEROL 'C3 H8 O3'
#
# COMPACT_ATOMS: atom_id res chain seq x y z
N THR A 11 -10.51 3.05 43.02
CA THR A 11 -11.62 2.39 42.26
C THR A 11 -12.79 3.36 42.03
N GLN A 12 -13.50 3.70 43.10
CA GLN A 12 -14.60 4.67 43.04
C GLN A 12 -14.09 6.08 43.35
N ALA A 13 -12.91 6.16 43.95
CA ALA A 13 -12.20 7.42 44.14
C ALA A 13 -12.11 8.23 42.83
N GLU A 14 -11.88 7.53 41.72
CA GLU A 14 -11.75 8.17 40.41
C GLU A 14 -13.10 8.40 39.72
N LYS A 15 -14.17 7.80 40.25
CA LYS A 15 -15.53 8.07 39.77
C LYS A 15 -16.06 9.37 40.38
N ASP A 16 -15.53 9.72 41.55
CA ASP A 16 -15.89 10.95 42.27
C ASP A 16 -15.12 12.17 41.77
N ARG A 17 -13.81 12.02 41.59
CA ARG A 17 -12.93 13.09 41.13
C ARG A 17 -13.38 13.67 39.79
N ARG A 18 -13.64 12.79 38.82
CA ARG A 18 -14.04 13.20 37.46
C ARG A 18 -15.41 13.86 37.40
N LEU A 19 -16.30 13.49 38.33
CA LEU A 19 -17.61 14.14 38.45
C LEU A 19 -17.47 15.54 39.01
N LYS A 20 -16.58 15.72 39.99
CA LYS A 20 -16.26 17.04 40.51
C LYS A 20 -15.81 17.94 39.35
N LYS A 21 -14.81 17.47 38.60
CA LYS A 21 -14.26 18.20 37.45
C LYS A 21 -15.34 18.69 36.48
N LYS A 22 -16.31 17.83 36.17
CA LYS A 22 -17.42 18.19 35.28
C LYS A 22 -18.28 19.33 35.84
N HIS A 23 -18.52 19.33 37.15
CA HIS A 23 -19.23 20.43 37.79
C HIS A 23 -18.37 21.69 37.72
N GLU A 24 -17.06 21.52 37.88
CA GLU A 24 -16.13 22.63 37.92
C GLU A 24 -16.06 23.38 36.58
N LEU A 25 -16.10 22.63 35.48
CA LEU A 25 -16.08 23.22 34.13
C LEU A 25 -17.26 24.15 33.89
N LEU A 26 -18.42 23.76 34.43
CA LEU A 26 -19.66 24.51 34.24
C LEU A 26 -19.67 25.81 35.02
N GLU A 27 -19.33 25.74 36.30
CA GLU A 27 -19.26 26.93 37.16
C GLU A 27 -18.17 27.88 36.68
N GLU A 28 -17.06 27.31 36.21
CA GLU A 28 -16.02 28.10 35.56
C GLU A 28 -16.58 28.94 34.40
N ALA A 29 -17.59 28.38 33.69
CA ALA A 29 -18.14 29.00 32.49
C ALA A 29 -19.24 30.01 32.76
N ARG A 30 -20.24 29.59 33.54
CA ARG A 30 -21.39 30.43 33.86
C ARG A 30 -20.98 31.64 34.74
N ARG A 31 -19.79 31.56 35.35
CA ARG A 31 -19.27 32.66 36.18
C ARG A 31 -18.02 33.35 35.57
N LYS A 32 -17.62 32.91 34.38
CA LYS A 32 -16.73 33.71 33.53
C LYS A 32 -17.58 34.49 32.53
N GLY A 33 -18.90 34.30 32.60
CA GLY A 33 -19.87 35.01 31.78
C GLY A 33 -20.03 34.59 30.33
N LEU A 34 -19.13 33.74 29.84
CA LEU A 34 -19.07 33.34 28.42
C LEU A 34 -20.40 32.87 27.81
N PRO A 35 -20.69 33.32 26.57
CA PRO A 35 -21.84 32.77 25.85
C PRO A 35 -21.58 31.36 25.28
N PHE A 36 -22.67 30.62 25.11
CA PHE A 36 -22.66 29.21 24.68
C PHE A 36 -21.76 28.89 23.49
N ALA A 37 -21.88 29.67 22.42
CA ALA A 37 -21.13 29.42 21.18
C ALA A 37 -19.60 29.54 21.34
N GLN A 38 -19.13 29.71 22.58
CA GLN A 38 -17.69 29.85 22.86
C GLN A 38 -17.19 28.86 23.93
N TRP A 39 -18.12 28.06 24.44
CA TRP A 39 -17.78 26.98 25.34
C TRP A 39 -16.95 25.93 24.59
N ASP A 40 -15.93 25.40 25.26
CA ASP A 40 -15.14 24.28 24.73
C ASP A 40 -15.88 22.97 24.85
N GLY A 41 -15.35 21.97 24.14
CA GLY A 41 -15.93 20.63 24.03
C GLY A 41 -16.26 20.00 25.36
N PRO A 42 -15.23 19.75 26.20
CA PRO A 42 -15.40 19.21 27.56
C PRO A 42 -16.51 19.89 28.36
N THR A 43 -16.60 21.22 28.29
CA THR A 43 -17.59 21.99 29.00
C THR A 43 -18.99 21.68 28.50
N VAL A 44 -19.13 21.56 27.18
CA VAL A 44 -20.41 21.31 26.53
C VAL A 44 -20.91 19.91 26.91
N VAL A 45 -19.95 18.98 26.99
CA VAL A 45 -20.22 17.58 27.34
C VAL A 45 -20.63 17.46 28.81
N ALA A 46 -19.98 18.21 29.69
CA ALA A 46 -20.44 18.31 31.07
C ALA A 46 -21.88 18.77 31.06
N TRP A 47 -22.15 19.86 30.34
CA TRP A 47 -23.48 20.44 30.27
C TRP A 47 -24.57 19.42 29.92
N LEU A 48 -24.27 18.52 28.98
CA LEU A 48 -25.26 17.56 28.50
C LEU A 48 -25.65 16.57 29.59
N GLU A 49 -24.66 16.18 30.39
CA GLU A 49 -24.85 15.19 31.44
C GLU A 49 -25.57 15.80 32.65
N LEU A 50 -24.92 16.80 33.25
CA LEU A 50 -25.36 17.35 34.53
C LEU A 50 -26.64 18.20 34.46
N TRP A 51 -26.80 19.00 33.42
CA TRP A 51 -27.89 19.98 33.39
C TRP A 51 -29.05 19.55 32.51
N LEU A 52 -28.76 18.76 31.49
CA LEU A 52 -29.80 18.33 30.57
C LEU A 52 -30.37 16.97 31.00
N GLY A 53 -29.66 16.31 31.91
CA GLY A 53 -29.98 14.94 32.32
C GLY A 53 -29.91 13.90 31.21
N MET A 54 -29.04 14.12 30.22
CA MET A 54 -28.90 13.23 29.07
C MET A 54 -28.27 11.89 29.48
N PRO A 55 -28.80 10.76 28.96
CA PRO A 55 -28.24 9.44 29.27
C PRO A 55 -26.89 9.23 28.60
N ALA A 56 -26.09 8.33 29.16
CA ALA A 56 -24.70 8.18 28.78
C ALA A 56 -24.50 7.86 27.28
N TRP A 57 -25.42 7.06 26.71
CA TRP A 57 -25.29 6.65 25.32
C TRP A 57 -25.43 7.85 24.39
N TYR A 58 -26.38 8.73 24.68
CA TYR A 58 -26.58 9.95 23.93
C TYR A 58 -25.40 10.90 24.17
N VAL A 59 -24.89 10.93 25.40
CA VAL A 59 -23.79 11.82 25.70
C VAL A 59 -22.56 11.45 24.87
N ALA A 60 -22.31 10.14 24.79
CA ALA A 60 -21.14 9.62 24.10
C ALA A 60 -21.21 9.91 22.60
N ALA A 61 -22.40 9.81 22.01
CA ALA A 61 -22.59 10.22 20.63
C ALA A 61 -22.18 11.69 20.41
N CYS A 62 -22.72 12.60 21.23
CA CYS A 62 -22.39 14.03 21.07
C CYS A 62 -20.91 14.29 21.28
N ARG A 63 -20.32 13.60 22.26
CA ARG A 63 -18.92 13.80 22.62
C ARG A 63 -17.99 13.52 21.42
N ALA A 64 -18.36 12.53 20.60
CA ALA A 64 -17.52 12.09 19.50
C ALA A 64 -17.73 12.89 18.21
N ASN A 65 -18.82 13.66 18.14
CA ASN A 65 -19.17 14.38 16.92
C ASN A 65 -19.25 15.86 17.08
N VAL A 66 -19.23 16.33 18.32
CA VAL A 66 -19.42 17.74 18.59
C VAL A 66 -18.37 18.23 19.55
N LYS A 67 -17.44 19.02 19.03
CA LYS A 67 -16.21 19.34 19.75
C LYS A 67 -16.12 20.77 20.26
N SER A 68 -17.17 21.57 20.05
CA SER A 68 -17.21 22.92 20.60
C SER A 68 -18.64 23.39 20.79
N GLY A 69 -18.79 24.49 21.53
CA GLY A 69 -20.06 25.19 21.60
C GLY A 69 -20.40 25.75 20.24
N ALA A 70 -19.42 26.37 19.59
CA ALA A 70 -19.60 26.91 18.23
C ALA A 70 -20.41 25.93 17.38
N ILE A 71 -19.91 24.69 17.27
CA ILE A 71 -20.59 23.59 16.59
C ILE A 71 -21.94 23.31 17.25
N MET A 72 -21.90 23.03 18.54
CA MET A 72 -23.09 22.64 19.30
C MET A 72 -24.25 23.56 19.01
N SER A 73 -23.98 24.86 19.04
CA SER A 73 -25.00 25.88 18.92
C SER A 73 -25.67 25.85 17.54
N ALA A 74 -24.90 25.51 16.51
CA ALA A 74 -25.42 25.53 15.14
C ALA A 74 -26.10 24.23 14.64
N LEU A 75 -26.23 23.23 15.51
CA LEU A 75 -26.75 21.92 15.07
C LEU A 75 -28.10 21.98 14.37
N SER A 76 -28.14 21.51 13.12
CA SER A 76 -29.38 21.30 12.40
C SER A 76 -30.01 19.97 12.83
N ASP A 77 -31.27 19.76 12.44
CA ASP A 77 -31.98 18.51 12.71
C ASP A 77 -31.30 17.33 12.00
N THR A 78 -30.96 17.51 10.73
CA THR A 78 -30.33 16.44 9.95
C THR A 78 -28.89 16.12 10.38
N GLU A 79 -28.16 17.11 10.88
CA GLU A 79 -26.83 16.85 11.46
C GLU A 79 -27.00 15.95 12.67
N ILE A 80 -27.93 16.32 13.56
CA ILE A 80 -28.23 15.48 14.71
C ILE A 80 -28.66 14.11 14.22
N GLN A 81 -29.45 14.10 13.14
CA GLN A 81 -30.00 12.85 12.69
C GLN A 81 -29.02 11.90 12.03
N ARG A 82 -28.10 12.43 11.23
CA ARG A 82 -27.21 11.61 10.40
C ARG A 82 -25.81 11.50 10.96
N GLU A 83 -25.27 12.60 11.50
CA GLU A 83 -23.95 12.59 12.08
C GLU A 83 -23.97 12.07 13.52
N ILE A 84 -24.74 12.72 14.39
CA ILE A 84 -24.86 12.25 15.79
C ILE A 84 -25.52 10.86 15.84
N GLY A 85 -26.52 10.67 14.99
CA GLY A 85 -27.12 9.35 14.79
C GLY A 85 -28.23 9.09 15.77
N ILE A 86 -29.08 10.10 15.97
CA ILE A 86 -30.19 10.05 16.89
C ILE A 86 -31.44 9.87 16.05
N SER A 87 -32.02 8.68 16.09
CA SER A 87 -33.10 8.33 15.16
C SER A 87 -34.49 8.82 15.59
N ASN A 88 -34.72 8.88 16.89
CA ASN A 88 -36.03 9.30 17.38
C ASN A 88 -36.16 10.82 17.45
N PRO A 89 -37.12 11.37 16.68
CA PRO A 89 -37.36 12.80 16.52
C PRO A 89 -37.51 13.52 17.85
N LEU A 90 -38.07 12.85 18.84
CA LEU A 90 -38.26 13.49 20.15
C LEU A 90 -36.93 13.72 20.87
N HIS A 91 -35.99 12.78 20.73
CA HIS A 91 -34.64 12.99 21.27
C HIS A 91 -33.98 14.19 20.62
N ARG A 92 -34.20 14.33 19.31
CA ARG A 92 -33.61 15.42 18.55
C ARG A 92 -34.16 16.75 19.02
N LEU A 93 -35.48 16.84 19.12
CA LEU A 93 -36.15 18.08 19.53
C LEU A 93 -35.63 18.44 20.90
N LYS A 94 -35.51 17.45 21.78
CA LYS A 94 -34.94 17.67 23.11
C LYS A 94 -33.67 18.50 23.04
N LEU A 95 -32.72 18.05 22.21
CA LEU A 95 -31.43 18.70 22.10
C LEU A 95 -31.52 20.10 21.54
N ARG A 96 -32.25 20.28 20.44
CA ARG A 96 -32.36 21.58 19.79
C ARG A 96 -32.86 22.63 20.77
N LEU A 97 -33.93 22.28 21.47
CA LEU A 97 -34.59 23.16 22.43
C LEU A 97 -33.69 23.53 23.60
N ALA A 98 -32.91 22.57 24.09
CA ALA A 98 -31.98 22.83 25.18
C ALA A 98 -30.97 23.89 24.73
N ILE A 99 -30.38 23.66 23.56
CA ILE A 99 -29.45 24.62 22.94
C ILE A 99 -30.11 25.98 22.73
N GLN A 100 -31.28 25.98 22.11
CA GLN A 100 -32.09 27.19 21.96
C GLN A 100 -32.19 28.01 23.24
N GLU A 101 -32.43 27.33 24.36
CA GLU A 101 -32.55 27.96 25.67
C GLU A 101 -31.22 28.47 26.22
N MET A 102 -30.17 27.67 26.04
CA MET A 102 -28.85 28.02 26.56
C MET A 102 -28.22 29.22 25.84
N VAL A 103 -28.56 29.39 24.57
CA VAL A 103 -28.02 30.48 23.74
C VAL A 103 -28.52 31.86 24.20
N SER A 104 -29.83 31.96 24.42
CA SER A 104 -30.41 33.13 25.08
C SER A 104 -29.79 33.34 26.47
N LEU A 105 -29.95 32.35 27.34
CA LEU A 105 -29.52 32.42 28.74
C LEU A 105 -28.07 32.91 28.94
N THR A 106 -27.23 32.77 27.93
CA THR A 106 -25.82 33.11 28.08
C THR A 106 -25.37 34.37 27.34
N SER A 107 -26.31 35.15 26.82
CA SER A 107 -25.98 36.31 25.98
C SER A 107 -25.91 37.67 26.70
N PRO A 108 -25.23 38.66 26.08
CA PRO A 108 -25.20 40.06 26.49
C PRO A 108 -26.58 40.68 26.77
N SER A 109 -27.66 39.95 26.49
CA SER A 109 -29.02 40.46 26.68
C SER A 109 -29.65 40.02 28.01
N ALA A 110 -29.94 41.01 28.86
CA ALA A 110 -30.56 40.77 30.17
C ALA A 110 -32.05 40.45 30.03
N THR A 117 -37.70 32.11 34.73
CA THR A 117 -37.43 30.67 34.64
C THR A 117 -36.08 30.36 33.99
N LEU A 118 -35.37 29.41 34.58
CA LEU A 118 -34.16 28.84 34.00
C LEU A 118 -34.11 27.35 34.34
N ALA A 119 -33.85 26.51 33.34
CA ALA A 119 -33.71 25.07 33.56
C ALA A 119 -32.25 24.60 33.73
N TYR A 120 -31.93 24.24 34.98
CA TYR A 120 -30.71 23.50 35.33
C TYR A 120 -31.08 22.05 35.66
N GLY A 121 -32.11 21.54 35.01
CA GLY A 121 -32.54 20.16 35.23
C GLY A 121 -33.59 19.99 36.30
N ASP A 122 -34.17 21.10 36.75
CA ASP A 122 -35.22 21.12 37.76
C ASP A 122 -36.39 20.32 37.27
N MET A 123 -36.83 20.64 36.06
CA MET A 123 -37.90 19.90 35.42
C MET A 123 -37.33 19.15 34.21
N ASN A 124 -36.49 18.16 34.54
CA ASN A 124 -35.94 17.23 33.56
C ASN A 124 -36.83 16.00 33.39
N HIS A 125 -36.40 15.08 32.54
CA HIS A 125 -37.28 14.00 32.08
C HIS A 125 -37.64 12.93 33.11
N GLU A 126 -37.02 12.97 34.29
CA GLU A 126 -37.32 12.02 35.36
C GLU A 126 -38.32 12.55 36.38
N TRP A 127 -38.29 13.85 36.62
CA TRP A 127 -39.35 14.52 37.37
C TRP A 127 -40.64 14.44 36.58
N ILE A 128 -40.57 14.79 35.30
CA ILE A 128 -41.70 14.66 34.37
C ILE A 128 -42.34 13.27 34.41
N GLY A 129 -41.52 12.23 34.49
CA GLY A 129 -42.03 10.87 34.36
C GLY A 129 -42.49 10.25 35.67
N ASN A 130 -41.70 10.45 36.72
CA ASN A 130 -41.95 9.80 38.01
C ASN A 130 -42.76 10.63 39.00
N GLU A 131 -42.85 11.95 38.76
CA GLU A 131 -43.52 12.86 39.70
C GLU A 131 -44.74 13.55 39.08
N TRP A 132 -44.50 14.27 37.99
CA TRP A 132 -45.50 15.13 37.38
C TRP A 132 -46.66 14.38 36.72
N LEU A 133 -46.32 13.44 35.84
CA LEU A 133 -47.34 12.68 35.10
C LEU A 133 -48.28 11.90 36.02
N PRO A 134 -47.75 11.27 37.09
CA PRO A 134 -48.65 10.66 38.07
C PRO A 134 -49.48 11.71 38.80
N SER A 135 -48.85 12.84 39.11
CA SER A 135 -49.53 13.97 39.74
C SER A 135 -50.74 14.41 38.91
N LEU A 136 -50.65 14.27 37.59
CA LEU A 136 -51.76 14.59 36.70
C LEU A 136 -52.80 13.47 36.59
N GLY A 137 -52.57 12.39 37.32
CA GLY A 137 -53.45 11.22 37.24
C GLY A 137 -53.23 10.48 35.94
N LEU A 138 -52.00 10.53 35.44
CA LEU A 138 -51.62 9.90 34.16
C LEU A 138 -50.39 9.00 34.31
N PRO A 139 -50.37 8.11 35.32
CA PRO A 139 -49.15 7.35 35.54
C PRO A 139 -48.90 6.26 34.47
N GLN A 140 -49.92 5.94 33.70
CA GLN A 140 -49.83 4.84 32.73
C GLN A 140 -48.95 5.18 31.52
N TYR A 141 -48.68 6.46 31.32
CA TYR A 141 -47.87 6.90 30.18
C TYR A 141 -46.42 7.19 30.57
N ARG A 142 -46.16 7.21 31.88
CA ARG A 142 -44.85 7.46 32.46
C ARG A 142 -43.68 6.88 31.66
N SER A 143 -43.69 5.57 31.41
CA SER A 143 -42.57 4.89 30.76
C SER A 143 -42.24 5.44 29.36
N TYR A 144 -43.28 5.75 28.57
CA TYR A 144 -43.08 6.25 27.21
C TYR A 144 -42.48 7.63 27.21
N PHE A 145 -42.88 8.44 28.18
CA PHE A 145 -42.34 9.78 28.34
C PHE A 145 -40.86 9.68 28.68
N MET A 146 -40.55 8.79 29.63
CA MET A 146 -39.17 8.49 30.02
C MET A 146 -38.37 8.06 28.82
N GLU A 147 -38.85 7.02 28.14
CA GLU A 147 -38.18 6.45 26.97
C GLU A 147 -37.96 7.47 25.87
N CYS A 148 -38.76 8.52 25.85
CA CYS A 148 -38.59 9.61 24.88
C CYS A 148 -37.82 10.82 25.41
N LEU A 149 -37.41 10.76 26.67
CA LEU A 149 -36.64 11.84 27.31
C LEU A 149 -37.38 13.18 27.36
N VAL A 150 -38.71 13.10 27.48
CA VAL A 150 -39.56 14.30 27.52
C VAL A 150 -39.33 15.11 28.80
N ASP A 151 -38.86 16.34 28.62
CA ASP A 151 -38.69 17.27 29.74
C ASP A 151 -39.70 18.39 29.59
N ALA A 152 -39.81 19.22 30.63
CA ALA A 152 -40.75 20.36 30.65
C ALA A 152 -40.74 21.22 29.39
N ARG A 153 -39.56 21.54 28.87
CA ARG A 153 -39.42 22.42 27.70
C ARG A 153 -40.12 21.83 26.48
N MET A 154 -40.02 20.51 26.31
CA MET A 154 -40.61 19.83 25.16
C MET A 154 -42.12 19.85 25.20
N LEU A 155 -42.70 19.77 26.40
CA LEU A 155 -44.15 19.67 26.57
C LEU A 155 -44.89 20.67 25.69
N ASP A 156 -44.51 21.94 25.80
CA ASP A 156 -45.09 23.01 24.98
C ASP A 156 -45.03 22.76 23.47
N HIS A 157 -44.16 21.85 23.03
CA HIS A 157 -43.89 21.67 21.60
C HIS A 157 -44.49 20.40 21.01
N LEU A 158 -44.87 19.46 21.86
CA LEU A 158 -45.42 18.19 21.39
C LEU A 158 -46.68 18.41 20.55
N THR A 159 -46.74 17.79 19.37
CA THR A 159 -47.95 17.81 18.56
C THR A 159 -48.89 16.67 18.94
N LYS A 160 -50.05 16.63 18.28
CA LYS A 160 -51.03 15.56 18.48
C LYS A 160 -50.47 14.21 18.03
N LYS A 161 -49.77 14.19 16.90
CA LYS A 161 -49.16 12.96 16.40
C LYS A 161 -48.09 12.46 17.36
N ASP A 162 -47.34 13.39 17.95
CA ASP A 162 -46.36 13.04 18.97
C ASP A 162 -47.04 12.25 20.08
N LEU A 163 -48.11 12.83 20.63
CA LEU A 163 -48.81 12.25 21.75
C LEU A 163 -49.46 10.90 21.44
N ARG A 164 -50.04 10.76 20.26
CA ARG A 164 -50.61 9.48 19.85
C ARG A 164 -49.51 8.45 19.52
N VAL A 165 -48.63 8.79 18.57
CA VAL A 165 -47.71 7.80 18.02
C VAL A 165 -46.56 7.49 18.97
N HIS A 166 -45.82 8.52 19.38
CA HIS A 166 -44.66 8.34 20.26
C HIS A 166 -45.00 8.10 21.72
N LEU A 167 -46.04 8.75 22.24
CA LEU A 167 -46.34 8.68 23.68
C LEU A 167 -47.61 7.91 24.04
N LYS A 168 -48.27 7.37 23.02
CA LYS A 168 -49.34 6.38 23.20
C LYS A 168 -50.66 6.86 23.87
N MET A 169 -50.89 8.18 23.84
CA MET A 169 -52.14 8.77 24.35
C MET A 169 -53.23 8.71 23.29
N VAL A 170 -53.88 7.56 23.15
CA VAL A 170 -54.94 7.39 22.15
C VAL A 170 -56.21 8.10 22.62
N ASP A 171 -56.32 8.28 23.93
CA ASP A 171 -57.45 8.95 24.56
C ASP A 171 -57.33 10.47 24.45
N SER A 172 -58.27 11.10 23.74
CA SER A 172 -58.25 12.55 23.49
C SER A 172 -58.44 13.36 24.76
N PHE A 173 -59.18 12.78 25.70
CA PHE A 173 -59.45 13.42 26.96
C PHE A 173 -58.18 13.47 27.82
N HIS A 174 -57.37 12.43 27.74
CA HIS A 174 -56.07 12.40 28.43
C HIS A 174 -55.15 13.47 27.84
N ARG A 175 -55.23 13.68 26.53
CA ARG A 175 -54.50 14.76 25.88
C ARG A 175 -54.92 16.13 26.39
N THR A 176 -56.23 16.33 26.52
CA THR A 176 -56.78 17.53 27.15
C THR A 176 -56.22 17.68 28.57
N SER A 177 -56.18 16.58 29.32
CA SER A 177 -55.68 16.59 30.68
C SER A 177 -54.25 17.13 30.77
N LEU A 178 -53.39 16.62 29.89
CA LEU A 178 -51.99 17.02 29.77
C LEU A 178 -51.88 18.50 29.45
N GLN A 179 -52.68 18.92 28.49
CA GLN A 179 -52.75 20.31 28.07
C GLN A 179 -52.94 21.23 29.26
N TYR A 180 -54.00 21.00 30.04
CA TYR A 180 -54.29 21.84 31.18
C TYR A 180 -53.16 21.76 32.19
N GLY A 181 -52.62 20.54 32.37
CA GLY A 181 -51.42 20.34 33.17
C GLY A 181 -50.33 21.33 32.79
N ILE A 182 -50.05 21.41 31.49
CA ILE A 182 -49.07 22.35 30.93
C ILE A 182 -49.49 23.82 31.18
N MET A 183 -50.76 24.12 30.96
CA MET A 183 -51.31 25.45 31.21
C MET A 183 -51.07 25.91 32.63
N CYS A 184 -51.00 24.95 33.54
CA CYS A 184 -50.65 25.19 34.93
C CYS A 184 -49.19 25.63 35.07
N LEU A 185 -48.29 24.84 34.49
CA LEU A 185 -46.87 25.11 34.59
C LEU A 185 -46.53 26.44 33.94
N LYS A 186 -47.19 26.73 32.81
CA LYS A 186 -47.04 28.01 32.12
C LYS A 186 -47.33 29.19 33.05
N ARG A 187 -48.44 29.11 33.76
CA ARG A 187 -48.89 30.17 34.66
C ARG A 187 -48.03 30.23 35.93
N LEU A 188 -47.36 29.12 36.22
CA LEU A 188 -46.43 29.05 37.35
C LEU A 188 -45.01 29.42 36.91
N ASN A 189 -44.88 29.84 35.65
CA ASN A 189 -43.60 30.25 35.11
C ASN A 189 -42.58 29.09 35.16
N TYR A 190 -43.10 27.86 35.19
CA TYR A 190 -42.29 26.62 35.28
C TYR A 190 -41.45 26.50 36.56
N ASP A 191 -41.79 27.29 37.57
CA ASP A 191 -41.05 27.33 38.83
C ASP A 191 -41.41 26.14 39.70
N ARG A 192 -40.52 25.14 39.74
CA ARG A 192 -40.75 23.90 40.49
C ARG A 192 -40.87 24.08 42.02
N LYS A 193 -40.03 24.93 42.61
CA LYS A 193 -40.09 25.21 44.05
C LYS A 193 -41.46 25.72 44.45
N GLU A 194 -42.02 26.60 43.63
CA GLU A 194 -43.30 27.24 43.93
C GLU A 194 -44.48 26.29 43.76
N LEU A 195 -44.33 25.28 42.90
CA LEU A 195 -45.39 24.28 42.70
C LEU A 195 -45.53 23.43 43.95
N GLU A 196 -44.44 22.76 44.31
CA GLU A 196 -44.42 21.84 45.44
C GLU A 196 -44.84 22.56 46.73
N ARG A 197 -44.45 23.83 46.84
CA ARG A 197 -44.76 24.65 48.01
C ARG A 197 -46.25 24.98 48.12
N ARG A 198 -46.84 25.34 46.99
CA ARG A 198 -48.27 25.62 46.93
C ARG A 198 -49.09 24.35 47.11
N ARG A 199 -48.63 23.26 46.50
CA ARG A 199 -49.30 21.96 46.61
C ARG A 199 -49.46 21.51 48.07
N GLU A 200 -48.41 21.65 48.87
CA GLU A 200 -48.47 21.22 50.27
C GLU A 200 -49.06 22.27 51.22
N ALA A 201 -49.12 23.53 50.78
CA ALA A 201 -49.80 24.59 51.53
C ALA A 201 -51.32 24.34 51.58
N SER A 202 -51.80 23.43 50.73
CA SER A 202 -53.22 23.20 50.54
C SER A 202 -53.60 21.72 50.65
N GLN A 203 -53.01 21.04 51.64
CA GLN A 203 -53.27 19.61 51.84
C GLN A 203 -54.51 19.32 52.67
N HIS A 204 -54.90 20.26 53.53
CA HIS A 204 -56.00 20.05 54.45
C HIS A 204 -56.94 21.26 54.52
N GLU A 205 -56.48 22.39 53.98
CA GLU A 205 -57.34 23.54 53.75
C GLU A 205 -58.01 23.38 52.38
N ILE A 206 -58.76 24.39 51.93
CA ILE A 206 -59.52 24.28 50.68
C ILE A 206 -59.48 25.59 49.87
N LYS A 207 -58.35 25.84 49.22
CA LYS A 207 -58.14 27.12 48.55
C LYS A 207 -57.62 27.05 47.11
N ASP A 208 -56.34 26.73 46.96
CA ASP A 208 -55.64 26.89 45.69
C ASP A 208 -55.81 25.68 44.76
N VAL A 209 -56.98 25.57 44.14
CA VAL A 209 -57.36 24.36 43.40
C VAL A 209 -56.51 24.11 42.14
N LEU A 210 -56.12 25.17 41.46
CA LEU A 210 -55.29 25.09 40.24
C LEU A 210 -54.19 24.01 40.26
N VAL A 211 -53.61 23.80 41.42
CA VAL A 211 -52.44 22.96 41.61
C VAL A 211 -52.80 21.49 41.89
N TRP A 212 -53.82 21.26 42.71
CA TRP A 212 -54.17 19.94 43.26
C TRP A 212 -53.79 18.73 42.41
N SER A 213 -53.03 17.82 43.02
CA SER A 213 -52.69 16.55 42.38
C SER A 213 -53.94 15.66 42.30
N ASN A 214 -53.92 14.71 41.36
CA ASN A 214 -54.95 13.66 41.31
C ASN A 214 -55.16 13.05 42.70
N ASP A 215 -54.09 12.99 43.48
CA ASP A 215 -54.21 12.51 44.86
C ASP A 215 -55.05 13.44 45.74
N ARG A 216 -54.80 14.74 45.67
CA ARG A 216 -55.54 15.72 46.47
C ARG A 216 -57.02 15.64 46.15
N VAL A 217 -57.32 15.50 44.86
CA VAL A 217 -58.70 15.41 44.38
C VAL A 217 -59.41 14.12 44.83
N ILE A 218 -58.68 13.01 44.91
CA ILE A 218 -59.24 11.76 45.47
C ILE A 218 -59.66 11.97 46.93
N ARG A 219 -58.67 12.30 47.78
CA ARG A 219 -58.89 12.53 49.20
C ARG A 219 -59.99 13.56 49.50
N TRP A 220 -60.20 14.49 48.58
CA TRP A 220 -61.28 15.46 48.71
C TRP A 220 -62.64 14.81 48.49
N ILE A 221 -62.74 13.98 47.45
CA ILE A 221 -63.97 13.22 47.17
C ILE A 221 -64.35 12.34 48.37
N GLN A 222 -63.35 11.80 49.06
CA GLN A 222 -63.55 11.02 50.28
C GLN A 222 -64.09 11.87 51.44
N ALA A 223 -63.63 13.12 51.49
CA ALA A 223 -64.00 14.05 52.57
C ALA A 223 -65.43 14.58 52.46
N ILE A 224 -65.99 14.56 51.24
CA ILE A 224 -67.38 14.96 51.05
C ILE A 224 -68.34 13.76 51.20
N GLY A 225 -67.75 12.56 51.29
CA GLY A 225 -68.49 11.34 51.67
C GLY A 225 -68.64 10.29 50.59
N LEU A 226 -67.62 10.16 49.74
CA LEU A 226 -67.72 9.27 48.59
C LEU A 226 -66.48 8.40 48.50
N ARG A 227 -66.20 7.69 49.59
CA ARG A 227 -64.97 6.90 49.75
C ARG A 227 -64.89 5.73 48.76
N GLU A 228 -66.04 5.13 48.48
CA GLU A 228 -66.16 4.03 47.53
C GLU A 228 -65.81 4.47 46.10
N TYR A 229 -66.37 5.61 45.71
CA TYR A 229 -66.30 6.12 44.35
C TYR A 229 -64.96 6.73 43.91
N ALA A 230 -64.27 7.38 44.85
CA ALA A 230 -63.06 8.14 44.55
C ALA A 230 -61.98 7.34 43.81
N ASN A 231 -61.57 6.20 44.39
CA ASN A 231 -60.53 5.34 43.83
C ASN A 231 -60.59 5.12 42.32
N ASN A 232 -61.79 5.29 41.74
CA ASN A 232 -61.98 5.11 40.31
C ASN A 232 -61.34 6.18 39.43
N ILE A 233 -61.03 7.35 40.01
CA ILE A 233 -60.39 8.39 39.19
C ILE A 233 -58.85 8.37 39.26
N LEU A 234 -58.27 7.16 39.15
CA LEU A 234 -56.85 6.97 39.37
C LEU A 234 -56.02 7.20 38.10
N GLU A 235 -56.46 6.61 36.99
CA GLU A 235 -55.71 6.70 35.74
C GLU A 235 -56.60 7.38 34.71
N SER A 236 -57.35 8.36 35.19
CA SER A 236 -58.39 9.03 34.44
C SER A 236 -57.91 10.35 33.86
N GLY A 237 -56.86 10.91 34.48
CA GLY A 237 -56.37 12.23 34.11
C GLY A 237 -57.11 13.37 34.79
N VAL A 238 -57.85 13.06 35.85
CA VAL A 238 -58.52 14.11 36.63
C VAL A 238 -57.51 14.78 37.56
N HIS A 239 -57.46 16.11 37.52
CA HIS A 239 -56.60 16.89 38.43
C HIS A 239 -57.06 18.34 38.58
N GLY A 240 -56.48 19.02 39.57
CA GLY A 240 -56.81 20.40 39.90
C GLY A 240 -57.00 21.41 38.78
N SER A 241 -56.08 21.43 37.81
CA SER A 241 -56.08 22.46 36.78
C SER A 241 -57.20 22.27 35.77
N LEU A 242 -57.52 21.02 35.49
CA LEU A 242 -58.66 20.66 34.66
C LEU A 242 -59.93 21.18 35.34
N ILE A 243 -60.06 20.89 36.63
CA ILE A 243 -61.17 21.33 37.45
C ILE A 243 -61.28 22.86 37.49
N ALA A 244 -60.14 23.51 37.70
CA ALA A 244 -60.09 24.96 37.88
C ALA A 244 -60.19 25.75 36.58
N LEU A 245 -59.82 25.16 35.44
CA LEU A 245 -59.69 25.91 34.19
C LEU A 245 -60.64 25.53 33.03
N ASP A 246 -61.02 24.26 32.96
CA ASP A 246 -61.88 23.78 31.88
C ASP A 246 -63.35 24.03 32.20
N GLU A 247 -63.98 24.88 31.39
CA GLU A 247 -65.39 25.24 31.55
C GLU A 247 -66.33 24.08 31.24
N ASN A 248 -65.91 23.21 30.32
CA ASN A 248 -66.60 21.94 30.06
C ASN A 248 -66.59 21.04 31.29
N PHE A 249 -65.47 21.02 32.03
CA PHE A 249 -65.40 20.19 33.23
C PHE A 249 -66.25 20.73 34.38
N ASP A 250 -67.49 20.26 34.43
CA ASP A 250 -68.41 20.52 35.52
C ASP A 250 -68.64 19.23 36.31
N TYR A 251 -69.50 19.30 37.32
CA TYR A 251 -69.75 18.16 38.20
C TYR A 251 -70.29 16.95 37.45
N SER A 252 -71.07 17.20 36.40
CA SER A 252 -71.69 16.16 35.59
C SER A 252 -70.65 15.25 34.95
N SER A 253 -69.60 15.87 34.38
CA SER A 253 -68.52 15.14 33.75
C SER A 253 -67.58 14.49 34.77
N LEU A 254 -67.57 15.02 35.99
CA LEU A 254 -66.80 14.44 37.07
C LEU A 254 -67.50 13.20 37.58
N ALA A 255 -68.83 13.28 37.67
CA ALA A 255 -69.65 12.16 38.12
C ALA A 255 -69.56 11.00 37.14
N LEU A 256 -69.57 11.32 35.85
CA LEU A 256 -69.45 10.32 34.78
C LEU A 256 -68.16 9.55 34.97
N LEU A 257 -67.07 10.29 35.20
CA LEU A 257 -65.77 9.69 35.46
C LEU A 257 -65.77 8.80 36.70
N LEU A 258 -66.34 9.29 37.80
CA LEU A 258 -66.43 8.52 39.04
C LEU A 258 -67.27 7.25 38.89
N GLN A 259 -67.87 7.07 37.72
CA GLN A 259 -68.76 5.94 37.42
C GLN A 259 -69.91 5.79 38.42
N ILE A 260 -70.68 6.87 38.57
CA ILE A 260 -71.87 6.88 39.44
C ILE A 260 -73.08 6.58 38.58
N PRO A 261 -73.77 5.44 38.85
CA PRO A 261 -74.95 5.16 38.05
C PRO A 261 -75.96 6.29 38.19
N THR A 262 -76.77 6.53 37.17
CA THR A 262 -77.77 7.61 37.20
C THR A 262 -78.83 7.41 38.29
N GLN A 263 -79.04 6.15 38.69
CA GLN A 263 -80.00 5.80 39.75
C GLN A 263 -79.63 6.46 41.08
N ASN A 264 -78.36 6.40 41.45
CA ASN A 264 -77.88 7.00 42.70
C ASN A 264 -77.97 8.53 42.64
N THR A 265 -79.15 9.03 42.99
CA THR A 265 -79.45 10.46 42.89
C THR A 265 -78.80 11.30 43.99
N GLN A 266 -78.74 10.76 45.21
CA GLN A 266 -78.27 11.53 46.36
C GLN A 266 -76.78 11.86 46.29
N ALA A 267 -75.99 10.89 45.83
CA ALA A 267 -74.56 11.07 45.66
C ALA A 267 -74.29 12.20 44.66
N ARG A 268 -74.98 12.17 43.53
CA ARG A 268 -74.89 13.22 42.51
C ARG A 268 -75.20 14.58 43.12
N GLN A 269 -76.31 14.63 43.84
CA GLN A 269 -76.76 15.86 44.49
C GLN A 269 -75.73 16.37 45.51
N ILE A 270 -75.08 15.43 46.21
CA ILE A 270 -73.99 15.77 47.13
C ILE A 270 -72.85 16.44 46.35
N LEU A 271 -72.36 15.74 45.33
CA LEU A 271 -71.22 16.21 44.53
C LEU A 271 -71.48 17.57 43.88
N GLU A 272 -72.69 17.75 43.35
CA GLU A 272 -73.09 18.99 42.68
C GLU A 272 -72.90 20.22 43.57
N ARG A 273 -73.30 20.12 44.83
CA ARG A 273 -73.21 21.25 45.76
C ARG A 273 -71.79 21.45 46.29
N GLU A 274 -71.15 20.35 46.69
CA GLU A 274 -69.79 20.43 47.22
C GLU A 274 -68.80 20.88 46.11
N TYR A 275 -69.02 20.41 44.89
CA TYR A 275 -68.22 20.84 43.73
C TYR A 275 -68.33 22.34 43.48
N ASN A 276 -69.55 22.89 43.59
CA ASN A 276 -69.75 24.33 43.40
C ASN A 276 -69.11 25.17 44.51
N ASN A 277 -69.10 24.61 45.72
CA ASN A 277 -68.38 25.20 46.86
C ASN A 277 -66.88 25.23 46.54
N LEU A 278 -66.38 24.07 46.10
CA LEU A 278 -64.99 23.93 45.67
C LEU A 278 -64.61 24.97 44.61
N LEU A 279 -65.55 25.28 43.73
CA LEU A 279 -65.33 26.26 42.68
C LEU A 279 -65.44 27.68 43.21
N ALA A 280 -66.32 27.91 44.18
CA ALA A 280 -66.56 29.23 44.75
C ALA A 280 -65.37 29.68 45.61
N LEU A 281 -64.89 28.77 46.45
CA LEU A 281 -63.87 29.09 47.44
C LEU A 281 -62.57 28.37 47.15
N GLN B 12 3.74 -39.45 -21.11
CA GLN B 12 5.00 -39.96 -21.75
C GLN B 12 4.83 -40.19 -23.26
N ALA B 13 3.59 -40.10 -23.73
CA ALA B 13 3.33 -39.98 -25.16
C ALA B 13 3.88 -38.62 -25.61
N GLU B 14 3.45 -37.56 -24.94
CA GLU B 14 3.89 -36.19 -25.24
C GLU B 14 5.24 -35.84 -24.61
N LYS B 15 5.94 -36.84 -24.10
CA LYS B 15 7.30 -36.65 -23.57
C LYS B 15 8.35 -37.00 -24.61
N ASP B 16 7.92 -37.72 -25.65
CA ASP B 16 8.77 -37.98 -26.82
C ASP B 16 8.69 -36.80 -27.80
N ARG B 17 7.57 -36.07 -27.77
CA ARG B 17 7.36 -34.88 -28.60
C ARG B 17 8.26 -33.72 -28.15
N ARG B 18 8.42 -33.55 -26.83
CA ARG B 18 9.28 -32.51 -26.29
C ARG B 18 10.75 -32.82 -26.56
N LEU B 19 11.07 -34.12 -26.56
CA LEU B 19 12.42 -34.56 -26.88
C LEU B 19 12.72 -34.33 -28.35
N LYS B 20 11.71 -34.49 -29.20
CA LYS B 20 11.83 -34.32 -30.66
C LYS B 20 12.10 -32.88 -31.09
N LYS B 21 11.18 -31.97 -30.75
CA LYS B 21 11.33 -30.54 -31.08
C LYS B 21 12.76 -30.07 -30.79
N LYS B 22 13.32 -30.57 -29.68
CA LYS B 22 14.67 -30.21 -29.26
C LYS B 22 15.77 -30.60 -30.26
N HIS B 23 15.74 -31.84 -30.74
CA HIS B 23 16.71 -32.24 -31.76
C HIS B 23 16.49 -31.43 -33.04
N GLU B 24 15.22 -31.11 -33.32
CA GLU B 24 14.82 -30.41 -34.54
C GLU B 24 15.19 -28.92 -34.53
N LEU B 25 15.29 -28.33 -33.35
CA LEU B 25 15.80 -26.97 -33.21
C LEU B 25 17.27 -26.92 -33.61
N LEU B 26 17.99 -28.00 -33.30
CA LEU B 26 19.43 -28.06 -33.54
C LEU B 26 19.78 -28.33 -34.99
N GLU B 27 18.90 -29.03 -35.71
CA GLU B 27 19.10 -29.27 -37.14
C GLU B 27 18.85 -28.01 -37.95
N GLU B 28 17.67 -27.42 -37.76
CA GLU B 28 17.34 -26.14 -38.39
C GLU B 28 18.42 -25.07 -38.15
N ALA B 29 19.13 -25.20 -37.02
CA ALA B 29 20.22 -24.26 -36.69
C ALA B 29 21.53 -24.61 -37.40
N ARG B 30 22.03 -25.82 -37.15
CA ARG B 30 23.34 -26.27 -37.64
C ARG B 30 23.35 -26.43 -39.18
N ARG B 31 22.19 -26.77 -39.75
CA ARG B 31 22.08 -26.99 -41.19
C ARG B 31 21.84 -25.71 -42.00
N LYS B 32 21.30 -24.68 -41.33
CA LYS B 32 21.07 -23.37 -41.97
C LYS B 32 22.24 -22.40 -41.73
N GLY B 33 23.36 -22.96 -41.26
CA GLY B 33 24.64 -22.23 -41.18
C GLY B 33 24.74 -21.14 -40.12
N LEU B 34 23.65 -20.93 -39.40
CA LEU B 34 23.53 -19.85 -38.42
C LEU B 34 24.62 -19.89 -37.33
N PRO B 35 25.28 -18.74 -37.08
CA PRO B 35 26.34 -18.65 -36.06
C PRO B 35 25.79 -18.59 -34.63
N PHE B 36 26.53 -19.19 -33.71
CA PHE B 36 26.09 -19.39 -32.33
C PHE B 36 25.58 -18.13 -31.64
N ALA B 37 26.18 -16.98 -31.97
CA ALA B 37 25.78 -15.72 -31.36
C ALA B 37 24.42 -15.22 -31.85
N GLN B 38 23.81 -15.98 -32.76
CA GLN B 38 22.51 -15.58 -33.31
C GLN B 38 21.38 -16.60 -33.04
N TRP B 39 21.69 -17.63 -32.27
CA TRP B 39 20.70 -18.62 -31.89
C TRP B 39 19.76 -18.03 -30.83
N ASP B 40 18.53 -18.53 -30.81
CA ASP B 40 17.54 -18.17 -29.80
C ASP B 40 17.63 -19.05 -28.57
N GLY B 41 17.03 -18.58 -27.47
CA GLY B 41 17.05 -19.27 -26.17
C GLY B 41 16.75 -20.76 -26.19
N PRO B 42 15.55 -21.15 -26.65
CA PRO B 42 15.12 -22.53 -26.87
C PRO B 42 16.15 -23.42 -27.54
N THR B 43 16.81 -22.92 -28.57
CA THR B 43 17.90 -23.65 -29.23
C THR B 43 19.12 -23.76 -28.33
N VAL B 44 19.51 -22.65 -27.69
CA VAL B 44 20.61 -22.73 -26.74
C VAL B 44 20.29 -23.76 -25.64
N VAL B 45 19.06 -23.75 -25.13
CA VAL B 45 18.67 -24.72 -24.09
C VAL B 45 18.77 -26.17 -24.59
N ALA B 46 18.36 -26.40 -25.84
CA ALA B 46 18.51 -27.72 -26.45
C ALA B 46 19.97 -28.14 -26.62
N TRP B 47 20.83 -27.19 -26.98
CA TRP B 47 22.28 -27.42 -27.08
C TRP B 47 22.85 -27.96 -25.78
N LEU B 48 22.60 -27.22 -24.70
CA LEU B 48 23.03 -27.56 -23.33
C LEU B 48 22.65 -28.98 -22.94
N GLU B 49 21.44 -29.38 -23.27
CA GLU B 49 20.95 -30.68 -22.85
C GLU B 49 21.51 -31.80 -23.72
N LEU B 50 21.32 -31.67 -25.03
CA LEU B 50 21.53 -32.78 -25.96
C LEU B 50 22.95 -32.94 -26.49
N TRP B 51 23.71 -31.86 -26.53
CA TRP B 51 25.07 -31.91 -27.04
C TRP B 51 26.12 -31.72 -25.96
N LEU B 52 25.73 -31.13 -24.84
CA LEU B 52 26.68 -30.88 -23.78
C LEU B 52 26.49 -31.84 -22.59
N GLY B 53 25.34 -32.50 -22.53
CA GLY B 53 25.08 -33.52 -21.50
C GLY B 53 24.99 -32.95 -20.10
N MET B 54 24.56 -31.68 -20.01
CA MET B 54 24.32 -30.97 -18.76
C MET B 54 23.22 -31.57 -17.91
N PRO B 55 23.42 -31.67 -16.59
CA PRO B 55 22.33 -32.13 -15.71
C PRO B 55 21.15 -31.16 -15.71
N ALA B 56 19.94 -31.67 -15.45
CA ALA B 56 18.75 -30.84 -15.40
C ALA B 56 18.93 -29.55 -14.57
N TRP B 57 19.58 -29.66 -13.41
CA TRP B 57 19.65 -28.53 -12.48
C TRP B 57 20.45 -27.37 -13.06
N TYR B 58 21.51 -27.71 -13.79
CA TYR B 58 22.36 -26.72 -14.46
C TYR B 58 21.65 -26.12 -15.69
N VAL B 59 20.98 -26.95 -16.48
CA VAL B 59 20.20 -26.46 -17.60
C VAL B 59 19.26 -25.40 -17.03
N ALA B 60 18.52 -25.78 -15.99
CA ALA B 60 17.58 -24.90 -15.33
C ALA B 60 18.21 -23.55 -14.92
N ALA B 61 19.40 -23.57 -14.31
CA ALA B 61 20.10 -22.33 -13.99
C ALA B 61 20.44 -21.48 -15.24
N CYS B 62 21.04 -22.09 -16.26
CA CYS B 62 21.28 -21.37 -17.49
C CYS B 62 19.98 -20.84 -18.11
N ARG B 63 18.96 -21.70 -18.14
CA ARG B 63 17.69 -21.36 -18.78
C ARG B 63 17.07 -20.11 -18.14
N ALA B 64 17.26 -19.96 -16.84
CA ALA B 64 16.70 -18.84 -16.07
C ALA B 64 17.42 -17.48 -16.23
N ASN B 65 18.64 -17.46 -16.77
CA ASN B 65 19.39 -16.22 -16.91
C ASN B 65 19.95 -15.98 -18.27
N VAL B 66 20.06 -17.02 -19.09
CA VAL B 66 20.68 -16.82 -20.42
C VAL B 66 19.63 -17.06 -21.50
N LYS B 67 19.11 -15.97 -22.03
CA LYS B 67 17.93 -16.04 -22.90
C LYS B 67 18.24 -16.07 -24.39
N SER B 68 19.51 -16.09 -24.76
CA SER B 68 19.85 -16.01 -26.17
C SER B 68 21.29 -16.38 -26.38
N GLY B 69 21.59 -16.95 -27.55
CA GLY B 69 22.97 -17.18 -27.97
C GLY B 69 23.85 -15.93 -27.91
N ALA B 70 23.31 -14.79 -28.34
CA ALA B 70 24.00 -13.51 -28.18
C ALA B 70 24.55 -13.38 -26.75
N ILE B 71 23.66 -13.48 -25.75
CA ILE B 71 24.05 -13.43 -24.35
C ILE B 71 24.98 -14.58 -23.95
N MET B 72 24.59 -15.80 -24.32
CA MET B 72 25.34 -17.00 -23.99
C MET B 72 26.79 -16.88 -24.43
N SER B 73 27.00 -16.55 -25.70
CA SER B 73 28.34 -16.52 -26.27
C SER B 73 29.30 -15.51 -25.63
N ALA B 74 28.79 -14.51 -24.93
CA ALA B 74 29.67 -13.57 -24.23
C ALA B 74 29.80 -13.80 -22.70
N LEU B 75 29.24 -14.91 -22.18
CA LEU B 75 29.33 -15.23 -20.74
C LEU B 75 30.74 -15.16 -20.17
N SER B 76 30.91 -14.40 -19.09
CA SER B 76 32.18 -14.35 -18.37
C SER B 76 32.18 -15.29 -17.16
N ASP B 77 33.37 -15.53 -16.59
CA ASP B 77 33.47 -16.34 -15.38
C ASP B 77 32.57 -15.78 -14.27
N THR B 78 32.73 -14.49 -13.96
CA THR B 78 31.94 -13.88 -12.87
C THR B 78 30.44 -13.98 -13.12
N GLU B 79 30.01 -13.74 -14.36
CA GLU B 79 28.60 -13.82 -14.68
C GLU B 79 28.01 -15.21 -14.42
N ILE B 80 28.78 -16.24 -14.77
CA ILE B 80 28.36 -17.61 -14.51
C ILE B 80 28.32 -17.90 -13.02
N GLN B 81 29.32 -17.42 -12.29
CA GLN B 81 29.38 -17.65 -10.86
C GLN B 81 28.32 -16.89 -10.10
N ARG B 82 28.15 -15.61 -10.43
CA ARG B 82 27.30 -14.71 -9.65
C ARG B 82 25.86 -14.62 -10.11
N GLU B 83 25.62 -14.68 -11.41
CA GLU B 83 24.24 -14.61 -11.89
C GLU B 83 23.65 -16.01 -12.05
N ILE B 84 24.31 -16.87 -12.81
CA ILE B 84 23.81 -18.23 -12.97
C ILE B 84 23.90 -19.04 -11.69
N GLY B 85 24.80 -18.66 -10.79
CA GLY B 85 24.87 -19.26 -9.46
C GLY B 85 25.74 -20.49 -9.31
N ILE B 86 26.65 -20.71 -10.25
CA ILE B 86 27.44 -21.92 -10.29
C ILE B 86 28.73 -21.75 -9.48
N SER B 87 28.86 -22.49 -8.39
CA SER B 87 30.02 -22.34 -7.51
C SER B 87 31.21 -23.26 -7.82
N ASN B 88 30.95 -24.44 -8.38
CA ASN B 88 32.04 -25.34 -8.74
C ASN B 88 32.83 -24.84 -9.95
N PRO B 89 34.10 -24.43 -9.74
CA PRO B 89 34.88 -23.85 -10.85
C PRO B 89 34.96 -24.77 -12.06
N LEU B 90 35.06 -26.07 -11.85
CA LEU B 90 35.04 -26.98 -12.98
C LEU B 90 33.73 -26.92 -13.77
N HIS B 91 32.60 -26.75 -13.07
CA HIS B 91 31.33 -26.62 -13.77
C HIS B 91 31.30 -25.37 -14.65
N ARG B 92 32.01 -24.32 -14.25
CA ARG B 92 32.07 -23.09 -15.01
C ARG B 92 32.96 -23.27 -16.24
N LEU B 93 34.05 -24.01 -16.05
CA LEU B 93 34.99 -24.26 -17.13
C LEU B 93 34.33 -25.10 -18.21
N LYS B 94 33.46 -26.04 -17.78
CA LYS B 94 32.76 -26.89 -18.71
C LYS B 94 32.02 -25.99 -19.70
N LEU B 95 31.18 -25.11 -19.17
CA LEU B 95 30.38 -24.22 -19.99
C LEU B 95 31.24 -23.31 -20.86
N ARG B 96 32.15 -22.56 -20.23
CA ARG B 96 33.04 -21.65 -20.97
C ARG B 96 33.69 -22.30 -22.19
N LEU B 97 34.36 -23.43 -21.97
CA LEU B 97 35.04 -24.14 -23.05
C LEU B 97 34.10 -24.60 -24.14
N ALA B 98 32.97 -25.19 -23.76
CA ALA B 98 31.94 -25.60 -24.72
C ALA B 98 31.37 -24.42 -25.55
N ILE B 99 31.29 -23.24 -24.95
CA ILE B 99 30.85 -22.04 -25.68
C ILE B 99 31.88 -21.71 -26.75
N GLN B 100 33.14 -21.59 -26.33
CA GLN B 100 34.26 -21.24 -27.23
C GLN B 100 34.40 -22.19 -28.41
N GLU B 101 34.19 -23.49 -28.17
CA GLU B 101 34.16 -24.44 -29.26
C GLU B 101 33.01 -24.12 -30.21
N MET B 102 31.79 -24.00 -29.67
CA MET B 102 30.61 -23.73 -30.50
C MET B 102 30.68 -22.44 -31.29
N VAL B 103 31.31 -21.43 -30.70
CA VAL B 103 31.64 -20.21 -31.44
C VAL B 103 32.44 -20.52 -32.73
N SER B 104 33.50 -21.32 -32.63
CA SER B 104 34.32 -21.71 -33.81
C SER B 104 33.57 -22.51 -34.87
N LEU B 105 33.00 -23.64 -34.45
CA LEU B 105 32.28 -24.55 -35.35
C LEU B 105 31.21 -23.89 -36.22
N THR B 106 30.51 -22.89 -35.70
CA THR B 106 29.47 -22.20 -36.47
C THR B 106 29.98 -20.95 -37.18
N SER B 107 31.25 -20.62 -36.97
CA SER B 107 31.87 -19.48 -37.64
C SER B 107 32.00 -19.77 -39.14
N PRO B 108 31.67 -18.78 -39.99
CA PRO B 108 31.88 -18.84 -41.44
C PRO B 108 33.24 -19.40 -41.87
N SER B 109 34.22 -19.41 -40.97
CA SER B 109 35.54 -20.01 -41.21
C SER B 109 35.65 -21.46 -40.70
N ALA B 110 35.90 -22.39 -41.63
CA ALA B 110 36.01 -23.81 -41.31
C ALA B 110 37.40 -24.38 -41.62
N TYR B 120 30.71 -32.37 -29.61
CA TYR B 120 29.26 -32.23 -29.36
C TYR B 120 28.55 -33.57 -29.05
N GLY B 121 28.98 -34.19 -27.94
CA GLY B 121 28.35 -35.40 -27.45
C GLY B 121 29.32 -36.56 -27.22
N ASP B 122 30.03 -36.94 -28.29
CA ASP B 122 30.80 -38.18 -28.33
C ASP B 122 31.58 -38.50 -27.07
N MET B 123 32.27 -37.51 -26.52
CA MET B 123 33.12 -37.72 -25.35
C MET B 123 32.68 -36.88 -24.16
N ASN B 124 31.40 -37.03 -23.82
CA ASN B 124 30.81 -36.32 -22.69
C ASN B 124 31.17 -36.95 -21.36
N HIS B 125 30.75 -36.29 -20.29
CA HIS B 125 31.26 -36.56 -18.95
C HIS B 125 30.89 -37.93 -18.36
N GLU B 126 29.84 -38.56 -18.88
CA GLU B 126 29.49 -39.91 -18.42
C GLU B 126 30.34 -40.97 -19.12
N TRP B 127 30.76 -40.67 -20.34
CA TRP B 127 31.68 -41.55 -21.03
C TRP B 127 33.08 -41.50 -20.40
N ILE B 128 33.48 -40.32 -19.94
CA ILE B 128 34.74 -40.17 -19.21
C ILE B 128 34.69 -41.01 -17.92
N GLY B 129 33.54 -41.00 -17.26
CA GLY B 129 33.38 -41.69 -16.00
C GLY B 129 33.22 -43.20 -16.12
N ASN B 130 32.30 -43.64 -16.98
CA ASN B 130 31.90 -45.05 -17.01
C ASN B 130 32.74 -45.95 -17.89
N GLU B 131 33.47 -45.37 -18.84
CA GLU B 131 34.21 -46.17 -19.81
C GLU B 131 35.68 -45.79 -19.94
N TRP B 132 35.96 -44.48 -19.99
CA TRP B 132 37.33 -44.02 -20.20
C TRP B 132 38.22 -44.16 -18.97
N LEU B 133 37.73 -43.72 -17.82
CA LEU B 133 38.52 -43.79 -16.59
C LEU B 133 38.82 -45.24 -16.17
N PRO B 134 37.83 -46.15 -16.28
CA PRO B 134 38.12 -47.58 -16.05
C PRO B 134 39.11 -48.11 -17.08
N SER B 135 39.00 -47.61 -18.32
CA SER B 135 39.89 -47.95 -19.42
C SER B 135 41.35 -47.70 -19.04
N LEU B 136 41.57 -46.72 -18.17
CA LEU B 136 42.92 -46.38 -17.71
C LEU B 136 43.38 -47.19 -16.49
N GLY B 137 42.49 -48.04 -15.98
CA GLY B 137 42.73 -48.74 -14.72
C GLY B 137 42.68 -47.76 -13.57
N LEU B 138 41.79 -46.77 -13.71
CA LEU B 138 41.59 -45.71 -12.74
C LEU B 138 40.10 -45.53 -12.40
N PRO B 139 39.38 -46.63 -12.07
CA PRO B 139 37.94 -46.54 -11.89
C PRO B 139 37.51 -45.83 -10.61
N GLN B 140 38.33 -45.93 -9.56
CA GLN B 140 37.93 -45.40 -8.25
C GLN B 140 37.85 -43.87 -8.18
N TYR B 141 38.16 -43.19 -9.29
CA TYR B 141 38.07 -41.74 -9.35
C TYR B 141 36.84 -41.27 -10.14
N ARG B 142 36.07 -42.22 -10.68
CA ARG B 142 34.95 -41.92 -11.57
C ARG B 142 33.88 -41.01 -10.94
N SER B 143 33.48 -41.32 -9.71
CA SER B 143 32.40 -40.58 -9.08
C SER B 143 32.73 -39.09 -8.88
N TYR B 144 34.00 -38.79 -8.61
CA TYR B 144 34.44 -37.41 -8.41
C TYR B 144 34.51 -36.68 -9.73
N PHE B 145 34.86 -37.40 -10.78
CA PHE B 145 34.93 -36.83 -12.13
C PHE B 145 33.56 -36.43 -12.63
N MET B 146 32.56 -37.24 -12.29
CA MET B 146 31.20 -37.01 -12.77
C MET B 146 30.51 -35.97 -11.92
N GLU B 147 30.80 -36.00 -10.62
CA GLU B 147 30.33 -34.97 -9.71
C GLU B 147 30.78 -33.60 -10.23
N CYS B 148 31.98 -33.56 -10.82
CA CYS B 148 32.51 -32.33 -11.43
C CYS B 148 32.20 -32.18 -12.91
N LEU B 149 31.52 -33.16 -13.50
CA LEU B 149 31.15 -33.13 -14.92
C LEU B 149 32.37 -33.00 -15.82
N VAL B 150 33.44 -33.69 -15.46
CA VAL B 150 34.64 -33.69 -16.27
C VAL B 150 34.39 -34.40 -17.60
N ASP B 151 34.48 -33.62 -18.69
CA ASP B 151 34.44 -34.13 -20.06
C ASP B 151 35.81 -34.02 -20.73
N ALA B 152 35.93 -34.57 -21.94
CA ALA B 152 37.21 -34.59 -22.69
C ALA B 152 37.86 -33.22 -22.92
N ARG B 153 37.06 -32.25 -23.39
CA ARG B 153 37.53 -30.87 -23.58
C ARG B 153 38.25 -30.32 -22.34
N MET B 154 37.78 -30.72 -21.16
CA MET B 154 38.29 -30.19 -19.90
C MET B 154 39.63 -30.79 -19.48
N LEU B 155 39.89 -32.03 -19.88
CA LEU B 155 41.07 -32.78 -19.44
C LEU B 155 42.37 -31.99 -19.51
N ASP B 156 42.52 -31.21 -20.56
CA ASP B 156 43.74 -30.48 -20.84
C ASP B 156 43.94 -29.24 -19.96
N HIS B 157 42.86 -28.77 -19.34
CA HIS B 157 42.93 -27.55 -18.53
C HIS B 157 43.04 -27.86 -17.05
N LEU B 158 42.83 -29.13 -16.68
CA LEU B 158 42.89 -29.57 -15.29
C LEU B 158 44.29 -29.34 -14.75
N THR B 159 44.37 -28.61 -13.65
CA THR B 159 45.65 -28.39 -12.97
C THR B 159 45.86 -29.47 -11.91
N LYS B 160 47.09 -29.58 -11.40
CA LYS B 160 47.39 -30.53 -10.32
C LYS B 160 46.43 -30.28 -9.15
N LYS B 161 46.27 -29.00 -8.80
CA LYS B 161 45.38 -28.60 -7.71
C LYS B 161 43.96 -29.14 -7.94
N ASP B 162 43.47 -29.05 -9.19
CA ASP B 162 42.18 -29.62 -9.57
C ASP B 162 42.15 -31.11 -9.27
N LEU B 163 43.14 -31.83 -9.78
CA LEU B 163 43.22 -33.28 -9.62
C LEU B 163 43.39 -33.74 -8.16
N ARG B 164 44.12 -32.95 -7.37
CA ARG B 164 44.34 -33.27 -5.95
C ARG B 164 43.14 -32.92 -5.06
N VAL B 165 42.55 -31.75 -5.29
CA VAL B 165 41.52 -31.22 -4.41
C VAL B 165 40.14 -31.70 -4.84
N HIS B 166 39.75 -31.37 -6.07
CA HIS B 166 38.43 -31.69 -6.60
C HIS B 166 38.30 -33.16 -6.99
N LEU B 167 39.33 -33.72 -7.62
CA LEU B 167 39.18 -35.07 -8.16
C LEU B 167 39.77 -36.17 -7.30
N LYS B 168 40.45 -35.79 -6.23
CA LYS B 168 40.87 -36.73 -5.18
C LYS B 168 42.05 -37.64 -5.55
N MET B 169 42.75 -37.31 -6.64
CA MET B 169 43.97 -38.03 -7.04
C MET B 169 45.18 -37.45 -6.30
N VAL B 170 45.56 -38.05 -5.17
CA VAL B 170 46.70 -37.53 -4.41
C VAL B 170 47.92 -38.36 -4.76
N ASP B 171 47.66 -39.52 -5.36
CA ASP B 171 48.67 -40.41 -5.88
C ASP B 171 49.30 -39.79 -7.13
N SER B 172 50.57 -39.41 -7.05
CA SER B 172 51.19 -38.67 -8.15
C SER B 172 51.39 -39.55 -9.38
N PHE B 173 51.51 -40.85 -9.15
CA PHE B 173 51.60 -41.81 -10.25
C PHE B 173 50.26 -41.92 -10.96
N HIS B 174 49.17 -42.03 -10.21
CA HIS B 174 47.84 -42.01 -10.82
C HIS B 174 47.67 -40.75 -11.65
N ARG B 175 48.32 -39.65 -11.25
CA ARG B 175 48.26 -38.40 -12.02
C ARG B 175 48.99 -38.45 -13.35
N THR B 176 50.19 -39.05 -13.37
CA THR B 176 50.88 -39.21 -14.65
C THR B 176 50.15 -40.27 -15.51
N SER B 177 49.55 -41.25 -14.86
CA SER B 177 48.74 -42.26 -15.56
C SER B 177 47.69 -41.55 -16.40
N LEU B 178 46.99 -40.62 -15.76
CA LEU B 178 46.00 -39.83 -16.44
C LEU B 178 46.62 -38.92 -17.51
N GLN B 179 47.79 -38.35 -17.20
CA GLN B 179 48.48 -37.49 -18.14
C GLN B 179 48.69 -38.23 -19.46
N TYR B 180 49.31 -39.40 -19.39
CA TYR B 180 49.54 -40.21 -20.58
C TYR B 180 48.22 -40.60 -21.24
N GLY B 181 47.22 -40.91 -20.42
CA GLY B 181 45.87 -41.15 -20.91
C GLY B 181 45.36 -40.03 -21.81
N ILE B 182 45.64 -38.79 -21.41
CA ILE B 182 45.32 -37.62 -22.24
C ILE B 182 46.17 -37.59 -23.51
N MET B 183 47.49 -37.75 -23.36
CA MET B 183 48.44 -37.70 -24.48
C MET B 183 47.96 -38.59 -25.61
N CYS B 184 47.42 -39.74 -25.23
CA CYS B 184 46.82 -40.69 -26.15
C CYS B 184 45.70 -40.07 -26.97
N LEU B 185 44.77 -39.42 -26.30
CA LEU B 185 43.65 -38.76 -26.98
C LEU B 185 44.13 -37.66 -27.92
N LYS B 186 45.12 -36.88 -27.48
CA LYS B 186 45.72 -35.83 -28.33
C LYS B 186 46.20 -36.37 -29.66
N ARG B 187 47.01 -37.42 -29.63
CA ARG B 187 47.53 -38.04 -30.85
C ARG B 187 46.39 -38.56 -31.74
N LEU B 188 45.28 -38.93 -31.10
CA LEU B 188 44.12 -39.44 -31.83
C LEU B 188 43.10 -38.34 -32.18
N ASN B 189 43.47 -37.08 -31.92
CA ASN B 189 42.60 -35.92 -32.11
C ASN B 189 41.21 -36.11 -31.51
N TYR B 190 41.16 -36.78 -30.35
CA TYR B 190 39.93 -37.07 -29.61
C TYR B 190 38.83 -37.79 -30.42
N ASP B 191 39.23 -38.58 -31.41
CA ASP B 191 38.27 -39.29 -32.25
C ASP B 191 37.88 -40.64 -31.63
N ARG B 192 36.76 -40.64 -30.90
CA ARG B 192 36.28 -41.81 -30.19
C ARG B 192 36.10 -43.05 -31.07
N LYS B 193 35.44 -42.89 -32.22
CA LYS B 193 35.23 -44.01 -33.14
C LYS B 193 36.53 -44.71 -33.50
N GLU B 194 37.61 -43.94 -33.57
CA GLU B 194 38.93 -44.49 -33.90
C GLU B 194 39.59 -45.23 -32.73
N LEU B 195 39.43 -44.70 -31.52
CA LEU B 195 39.91 -45.39 -30.32
C LEU B 195 39.21 -46.75 -30.16
N GLU B 196 37.88 -46.75 -30.28
CA GLU B 196 37.08 -47.97 -30.17
C GLU B 196 37.45 -49.01 -31.24
N ARG B 197 37.64 -48.55 -32.47
CA ARG B 197 38.00 -49.42 -33.59
C ARG B 197 39.40 -50.00 -33.43
N ARG B 198 40.33 -49.22 -32.88
CA ARG B 198 41.72 -49.64 -32.73
C ARG B 198 41.93 -50.61 -31.56
N ARG B 199 41.15 -50.43 -30.51
CA ARG B 199 41.15 -51.35 -29.37
C ARG B 199 40.70 -52.75 -29.80
N GLU B 200 39.64 -52.81 -30.61
CA GLU B 200 39.07 -54.07 -31.10
C GLU B 200 40.04 -54.87 -31.97
N ALA B 201 40.84 -54.18 -32.78
CA ALA B 201 41.81 -54.85 -33.67
C ALA B 201 43.03 -55.38 -32.92
N SER B 202 43.16 -54.98 -31.66
CA SER B 202 44.35 -55.28 -30.85
C SER B 202 44.07 -56.27 -29.72
N GLN B 203 42.99 -57.03 -29.85
CA GLN B 203 42.59 -58.00 -28.81
C GLN B 203 43.32 -59.34 -28.91
N HIS B 204 43.86 -59.66 -30.09
CA HIS B 204 44.49 -60.96 -30.31
C HIS B 204 45.76 -60.90 -31.17
N GLU B 205 46.18 -59.68 -31.53
CA GLU B 205 47.29 -59.50 -32.47
C GLU B 205 48.62 -59.13 -31.83
N ILE B 206 48.57 -58.23 -30.82
CA ILE B 206 49.77 -57.68 -30.16
C ILE B 206 50.34 -56.50 -30.97
N LYS B 207 49.62 -56.15 -32.04
CA LYS B 207 50.06 -55.13 -33.00
C LYS B 207 50.22 -53.71 -32.42
N ASP B 208 49.19 -53.19 -31.77
CA ASP B 208 49.24 -51.83 -31.27
C ASP B 208 48.86 -51.77 -29.80
N VAL B 209 49.62 -50.98 -29.03
CA VAL B 209 49.40 -50.87 -27.58
C VAL B 209 49.04 -49.47 -27.07
N LEU B 210 49.37 -48.43 -27.82
CA LEU B 210 49.06 -47.06 -27.39
C LEU B 210 47.61 -46.92 -26.92
N VAL B 211 46.79 -47.90 -27.29
CA VAL B 211 45.37 -47.96 -26.98
C VAL B 211 45.04 -48.81 -25.75
N TRP B 212 45.80 -49.89 -25.55
CA TRP B 212 45.47 -50.93 -24.57
C TRP B 212 44.88 -50.43 -23.25
N SER B 213 43.76 -51.04 -22.88
CA SER B 213 43.09 -50.75 -21.63
C SER B 213 43.84 -51.44 -20.48
N ASN B 214 43.37 -51.20 -19.27
CA ASN B 214 43.84 -51.92 -18.09
C ASN B 214 43.53 -53.40 -18.23
N ASP B 215 42.42 -53.71 -18.89
CA ASP B 215 42.00 -55.09 -19.06
C ASP B 215 42.82 -55.81 -20.11
N ARG B 216 43.03 -55.16 -21.26
CA ARG B 216 43.87 -55.72 -22.32
C ARG B 216 45.24 -56.06 -21.78
N VAL B 217 45.81 -55.17 -20.96
CA VAL B 217 47.11 -55.39 -20.33
C VAL B 217 47.10 -56.57 -19.34
N ILE B 218 46.01 -56.71 -18.58
CA ILE B 218 45.86 -57.83 -17.63
C ILE B 218 45.87 -59.18 -18.34
N ARG B 219 45.11 -59.31 -19.43
CA ARG B 219 45.06 -60.53 -20.22
C ARG B 219 46.38 -60.82 -20.95
N TRP B 220 47.15 -59.78 -21.23
CA TRP B 220 48.50 -59.96 -21.75
C TRP B 220 49.40 -60.59 -20.71
N ILE B 221 49.31 -60.11 -19.46
CA ILE B 221 50.11 -60.67 -18.36
C ILE B 221 49.74 -62.13 -18.11
N GLN B 222 48.43 -62.41 -18.13
CA GLN B 222 47.94 -63.79 -18.00
C GLN B 222 48.51 -64.72 -19.08
N ALA B 223 48.43 -64.28 -20.33
CA ALA B 223 48.89 -65.06 -21.48
C ALA B 223 50.41 -65.03 -21.67
N ILE B 224 51.14 -64.49 -20.70
CA ILE B 224 52.60 -64.69 -20.66
C ILE B 224 53.05 -65.48 -19.42
N GLY B 225 52.12 -66.22 -18.83
CA GLY B 225 52.42 -67.10 -17.69
C GLY B 225 51.90 -66.59 -16.35
N LEU B 226 51.99 -65.28 -16.14
CA LEU B 226 51.74 -64.71 -14.82
C LEU B 226 50.26 -64.43 -14.58
N ARG B 227 49.45 -65.48 -14.73
CA ARG B 227 48.00 -65.41 -14.53
C ARG B 227 47.64 -65.01 -13.11
N GLU B 228 48.38 -65.56 -12.15
CA GLU B 228 48.16 -65.33 -10.74
C GLU B 228 48.48 -63.91 -10.28
N TYR B 229 49.55 -63.34 -10.80
CA TYR B 229 50.06 -62.05 -10.30
C TYR B 229 49.37 -60.80 -10.86
N ALA B 230 48.73 -60.93 -12.02
CA ALA B 230 48.19 -59.78 -12.77
C ALA B 230 47.08 -58.98 -12.10
N ASN B 231 46.05 -59.68 -11.59
CA ASN B 231 44.88 -59.01 -11.02
C ASN B 231 45.19 -57.72 -10.24
N ASN B 232 46.34 -57.69 -9.58
CA ASN B 232 46.74 -56.56 -8.74
C ASN B 232 46.96 -55.22 -9.43
N ILE B 233 46.93 -55.19 -10.76
CA ILE B 233 47.06 -53.91 -11.45
C ILE B 233 45.68 -53.28 -11.72
N LEU B 234 44.66 -53.86 -11.10
CA LEU B 234 43.27 -53.49 -11.36
C LEU B 234 43.00 -52.00 -11.18
N GLU B 235 43.65 -51.38 -10.20
CA GLU B 235 43.39 -49.96 -9.95
C GLU B 235 44.69 -49.18 -9.83
N SER B 236 45.73 -49.74 -10.44
CA SER B 236 47.09 -49.22 -10.36
C SER B 236 47.33 -48.05 -11.30
N GLY B 237 46.42 -47.84 -12.25
CA GLY B 237 46.61 -46.86 -13.32
C GLY B 237 47.55 -47.31 -14.43
N VAL B 238 47.80 -48.63 -14.52
CA VAL B 238 48.58 -49.17 -15.63
C VAL B 238 47.69 -49.28 -16.88
N HIS B 239 48.16 -48.68 -17.98
CA HIS B 239 47.56 -48.83 -19.30
C HIS B 239 48.60 -48.66 -20.42
N GLY B 240 48.19 -48.98 -21.65
CA GLY B 240 49.08 -49.05 -22.80
C GLY B 240 49.87 -47.79 -23.17
N SER B 241 49.30 -46.61 -22.91
CA SER B 241 49.96 -45.34 -23.23
C SER B 241 51.17 -45.09 -22.34
N LEU B 242 50.99 -45.35 -21.05
CA LEU B 242 52.07 -45.36 -20.06
C LEU B 242 53.17 -46.29 -20.55
N ILE B 243 52.78 -47.53 -20.80
CA ILE B 243 53.69 -48.57 -21.32
C ILE B 243 54.40 -48.11 -22.59
N ALA B 244 53.70 -47.37 -23.44
CA ALA B 244 54.18 -47.06 -24.78
C ALA B 244 54.93 -45.74 -24.91
N LEU B 245 54.76 -44.84 -23.95
CA LEU B 245 55.30 -43.49 -24.08
C LEU B 245 56.18 -43.05 -22.91
N ASP B 246 56.05 -43.72 -21.77
CA ASP B 246 56.80 -43.34 -20.58
C ASP B 246 58.18 -43.99 -20.56
N GLU B 247 59.20 -43.24 -20.97
CA GLU B 247 60.58 -43.77 -21.01
C GLU B 247 61.07 -44.33 -19.67
N ASN B 248 60.57 -43.76 -18.58
CA ASN B 248 60.83 -44.28 -17.23
C ASN B 248 60.23 -45.66 -17.02
N PHE B 249 58.99 -45.85 -17.44
CA PHE B 249 58.27 -47.12 -17.24
C PHE B 249 58.90 -48.32 -17.97
N ASP B 250 59.80 -49.01 -17.27
CA ASP B 250 60.36 -50.29 -17.72
C ASP B 250 59.78 -51.46 -16.92
N TYR B 251 60.40 -52.64 -17.03
CA TYR B 251 59.85 -53.85 -16.46
C TYR B 251 59.97 -53.88 -14.93
N SER B 252 60.80 -53.01 -14.39
CA SER B 252 61.04 -52.92 -12.95
C SER B 252 59.96 -52.06 -12.30
N SER B 253 59.43 -51.12 -13.07
CA SER B 253 58.25 -50.35 -12.67
C SER B 253 57.03 -51.27 -12.64
N LEU B 254 56.96 -52.17 -13.61
CA LEU B 254 55.84 -53.07 -13.73
C LEU B 254 55.88 -54.16 -12.66
N ALA B 255 57.06 -54.76 -12.49
CA ALA B 255 57.25 -55.77 -11.44
C ALA B 255 56.69 -55.28 -10.12
N LEU B 256 57.19 -54.14 -9.66
CA LEU B 256 56.87 -53.59 -8.36
C LEU B 256 55.36 -53.42 -8.16
N LEU B 257 54.67 -52.98 -9.21
CA LEU B 257 53.22 -52.90 -9.21
C LEU B 257 52.60 -54.29 -9.06
N LEU B 258 52.95 -55.22 -9.95
CA LEU B 258 52.47 -56.59 -9.86
C LEU B 258 52.75 -57.22 -8.49
N GLN B 259 53.40 -56.44 -7.62
CA GLN B 259 53.68 -56.79 -6.22
C GLN B 259 54.46 -58.11 -6.10
N ILE B 260 55.32 -58.38 -7.09
CA ILE B 260 56.17 -59.56 -7.09
C ILE B 260 57.36 -59.33 -6.16
N PRO B 261 57.70 -60.34 -5.32
CA PRO B 261 58.92 -60.25 -4.52
C PRO B 261 60.16 -60.37 -5.39
N THR B 262 61.30 -59.83 -4.93
CA THR B 262 62.55 -60.00 -5.64
C THR B 262 63.02 -61.45 -5.54
N GLN B 263 62.34 -62.22 -4.69
CA GLN B 263 62.64 -63.63 -4.45
C GLN B 263 62.37 -64.51 -5.67
N ASN B 264 61.26 -64.26 -6.37
CA ASN B 264 60.89 -65.03 -7.56
C ASN B 264 61.89 -64.80 -8.70
N THR B 265 62.76 -65.80 -8.86
CA THR B 265 63.83 -65.77 -9.84
C THR B 265 63.34 -65.67 -11.28
N GLN B 266 62.52 -66.64 -11.69
CA GLN B 266 62.19 -66.84 -13.11
C GLN B 266 61.13 -65.89 -13.61
N ALA B 267 60.04 -65.78 -12.86
CA ALA B 267 58.92 -64.90 -13.22
C ALA B 267 59.40 -63.53 -13.70
N ARG B 268 60.46 -63.02 -13.08
CA ARG B 268 61.02 -61.72 -13.48
C ARG B 268 61.64 -61.75 -14.88
N GLN B 269 62.47 -62.77 -15.15
CA GLN B 269 63.01 -63.00 -16.50
C GLN B 269 61.89 -63.19 -17.52
N ILE B 270 60.87 -63.95 -17.14
CA ILE B 270 59.69 -64.20 -17.97
C ILE B 270 59.01 -62.88 -18.37
N LEU B 271 58.95 -61.94 -17.42
CA LEU B 271 58.40 -60.62 -17.68
C LEU B 271 59.35 -59.79 -18.53
N GLU B 272 60.64 -59.82 -18.20
CA GLU B 272 61.65 -59.00 -18.88
C GLU B 272 61.72 -59.33 -20.37
N ARG B 273 61.90 -60.61 -20.71
CA ARG B 273 62.06 -61.03 -22.10
C ARG B 273 60.78 -60.83 -22.91
N GLU B 274 59.64 -60.89 -22.25
CA GLU B 274 58.35 -60.72 -22.92
C GLU B 274 57.87 -59.26 -22.92
N TYR B 275 58.26 -58.47 -21.92
CA TYR B 275 57.89 -57.04 -21.87
C TYR B 275 58.62 -56.23 -22.93
N ASN B 276 59.93 -56.42 -23.03
CA ASN B 276 60.76 -55.78 -24.06
C ASN B 276 60.31 -56.20 -25.47
N ASN B 277 59.74 -57.41 -25.53
CA ASN B 277 59.09 -57.94 -26.73
C ASN B 277 57.76 -57.25 -26.99
N LEU B 278 57.14 -56.76 -25.92
CA LEU B 278 55.89 -56.01 -26.01
C LEU B 278 56.18 -54.62 -26.57
N LEU B 279 57.36 -54.08 -26.25
CA LEU B 279 57.72 -52.73 -26.71
C LEU B 279 58.18 -52.73 -28.17
N ALA B 280 58.94 -53.75 -28.55
CA ALA B 280 59.47 -53.88 -29.93
C ALA B 280 58.40 -54.15 -30.99
N LEU B 281 57.54 -55.12 -30.74
CA LEU B 281 56.35 -55.38 -31.57
C LEU B 281 55.28 -54.30 -31.34
N PRO C 14 43.85 20.04 -0.13
CA PRO C 14 42.94 19.27 -0.98
C PRO C 14 42.99 17.77 -0.67
N PHE C 15 41.86 17.08 -0.85
CA PHE C 15 41.76 15.64 -0.60
C PHE C 15 42.78 14.81 -1.39
N ALA C 16 43.26 15.39 -2.50
CA ALA C 16 44.25 14.76 -3.38
C ALA C 16 45.63 14.59 -2.75
N LYS C 17 45.94 15.43 -1.76
CA LYS C 17 47.24 15.38 -1.08
C LYS C 17 47.22 14.48 0.18
N TRP C 18 46.02 14.03 0.56
CA TRP C 18 45.84 13.19 1.75
C TRP C 18 46.38 11.77 1.56
N THR C 19 46.92 11.21 2.63
CA THR C 19 47.51 9.87 2.61
C THR C 19 46.44 8.80 2.44
N LYS C 20 46.86 7.63 1.95
CA LYS C 20 45.98 6.47 1.78
C LYS C 20 45.09 6.25 3.01
N GLU C 21 45.69 6.38 4.20
CA GLU C 21 44.98 6.19 5.46
C GLU C 21 44.00 7.32 5.80
N GLN C 22 44.37 8.56 5.45
CA GLN C 22 43.48 9.71 5.66
C GLN C 22 42.24 9.62 4.75
N VAL C 23 42.46 9.09 3.55
CA VAL C 23 41.40 8.86 2.59
C VAL C 23 40.52 7.69 3.03
N CYS C 24 41.15 6.61 3.46
CA CYS C 24 40.43 5.40 3.93
C CYS C 24 39.47 5.69 5.06
N SER C 25 39.93 6.47 6.04
CA SER C 25 39.11 6.79 7.22
C SER C 25 37.95 7.75 6.90
N TRP C 26 38.18 8.71 6.00
CA TRP C 26 37.09 9.58 5.52
C TRP C 26 36.03 8.76 4.79
N LEU C 27 36.49 7.89 3.90
CA LEU C 27 35.65 6.98 3.13
C LEU C 27 34.79 6.10 4.03
N ALA C 28 35.40 5.60 5.10
CA ALA C 28 34.71 4.79 6.11
C ALA C 28 33.78 5.64 6.98
N GLU C 29 34.19 6.88 7.26
CA GLU C 29 33.36 7.84 7.99
C GLU C 29 32.11 8.21 7.21
N GLN C 30 32.18 8.13 5.87
CA GLN C 30 31.03 8.33 4.98
C GLN C 30 30.16 7.08 4.88
N GLY C 31 30.27 6.20 5.86
CA GLY C 31 29.51 4.94 5.87
C GLY C 31 29.84 4.01 4.72
N LEU C 32 31.06 4.13 4.19
CA LEU C 32 31.51 3.30 3.06
C LEU C 32 32.74 2.43 3.42
N GLY C 33 32.75 1.89 4.64
CA GLY C 33 33.84 1.04 5.12
C GLY C 33 33.69 -0.44 4.76
N SER C 34 32.58 -0.77 4.10
CA SER C 34 32.32 -2.14 3.65
C SER C 34 33.13 -2.46 2.39
N TYR C 35 33.40 -1.42 1.59
CA TYR C 35 34.21 -1.56 0.39
C TYR C 35 35.71 -1.41 0.67
N LEU C 36 36.08 -1.42 1.95
CA LEU C 36 37.45 -1.13 2.37
C LEU C 36 38.48 -2.21 2.07
N SER C 37 38.32 -3.39 2.67
CA SER C 37 39.31 -4.47 2.52
C SER C 37 39.44 -4.99 1.07
N SER C 38 38.58 -4.48 0.19
CA SER C 38 38.64 -4.74 -1.25
C SER C 38 39.48 -3.70 -2.03
N GLY C 39 39.16 -2.41 -1.85
CA GLY C 39 39.81 -1.33 -2.59
C GLY C 39 40.99 -0.65 -1.91
N LYS C 40 41.57 -1.31 -0.90
CA LYS C 40 42.69 -0.76 -0.13
C LYS C 40 43.97 -0.71 -0.97
N HIS C 41 44.18 -1.72 -1.80
CA HIS C 41 45.32 -1.76 -2.71
C HIS C 41 45.11 -0.85 -3.93
N TRP C 42 43.85 -0.65 -4.30
CA TRP C 42 43.48 0.19 -5.46
C TRP C 42 43.66 1.70 -5.20
N ILE C 43 43.84 2.08 -3.94
CA ILE C 43 43.97 3.49 -3.56
C ILE C 43 45.31 3.80 -2.86
N ILE C 44 46.19 4.49 -3.58
CA ILE C 44 47.42 5.04 -2.99
C ILE C 44 47.19 6.50 -2.58
N SER C 45 46.64 7.28 -3.51
CA SER C 45 46.48 8.72 -3.34
C SER C 45 45.01 9.15 -3.33
N GLY C 46 44.77 10.35 -2.82
CA GLY C 46 43.47 11.00 -2.93
C GLY C 46 43.24 11.46 -4.36
N GLN C 47 44.33 11.77 -5.06
CA GLN C 47 44.28 12.17 -6.47
C GLN C 47 43.78 11.02 -7.36
N THR C 48 44.21 9.80 -7.04
CA THR C 48 43.81 8.61 -7.80
C THR C 48 42.31 8.35 -7.69
N LEU C 49 41.70 8.83 -6.61
CA LEU C 49 40.24 8.83 -6.44
C LEU C 49 39.56 9.83 -7.38
N LEU C 50 40.16 11.01 -7.53
CA LEU C 50 39.70 12.04 -8.45
C LEU C 50 39.97 11.70 -9.91
N GLN C 51 41.19 11.23 -10.19
CA GLN C 51 41.58 10.79 -11.54
C GLN C 51 40.56 9.81 -12.11
N ALA C 52 40.27 8.75 -11.35
CA ALA C 52 39.27 7.76 -11.71
C ALA C 52 37.97 8.39 -12.20
N SER C 53 37.58 8.04 -13.42
CA SER C 53 36.26 8.41 -13.95
C SER C 53 35.18 7.70 -13.16
N GLN C 54 33.92 7.95 -13.50
CA GLN C 54 32.78 7.35 -12.78
C GLN C 54 32.87 5.82 -12.71
N GLN C 55 33.38 5.20 -13.77
CA GLN C 55 33.38 3.74 -13.89
C GLN C 55 34.56 3.05 -13.20
N ASP C 56 35.70 3.74 -13.13
CA ASP C 56 36.91 3.21 -12.48
C ASP C 56 36.66 2.82 -11.02
N LEU C 57 35.95 3.69 -10.30
CA LEU C 57 35.61 3.48 -8.89
C LEU C 57 34.58 2.37 -8.69
N GLU C 58 33.59 2.31 -9.58
CA GLU C 58 32.53 1.30 -9.52
C GLU C 58 33.04 -0.09 -9.89
N LYS C 59 34.13 -0.15 -10.67
CA LYS C 59 34.84 -1.39 -10.90
C LYS C 59 35.81 -1.68 -9.74
N GLU C 60 36.72 -0.75 -9.46
CA GLU C 60 37.82 -0.95 -8.51
C GLU C 60 37.41 -1.00 -7.02
N LEU C 61 36.56 -0.06 -6.59
CA LEU C 61 36.03 -0.10 -5.20
C LEU C 61 34.88 -1.10 -5.05
N GLY C 62 34.31 -1.51 -6.19
CA GLY C 62 33.27 -2.52 -6.20
C GLY C 62 32.01 -2.01 -5.55
N ILE C 63 31.66 -0.76 -5.86
CA ILE C 63 30.40 -0.18 -5.42
C ILE C 63 29.31 -0.66 -6.37
N LYS C 64 28.34 -1.39 -5.84
CA LYS C 64 27.28 -1.98 -6.67
C LYS C 64 25.89 -1.38 -6.43
N HIS C 65 25.62 -0.95 -5.21
CA HIS C 65 24.39 -0.23 -4.91
C HIS C 65 24.45 1.13 -5.63
N SER C 66 23.38 1.49 -6.34
CA SER C 66 23.38 2.72 -7.14
C SER C 66 23.48 4.00 -6.30
N LEU C 67 22.70 4.06 -5.20
CA LEU C 67 22.74 5.19 -4.28
C LEU C 67 24.13 5.44 -3.73
N HIS C 68 24.87 4.36 -3.50
CA HIS C 68 26.23 4.45 -3.00
C HIS C 68 27.18 5.07 -4.02
N ARG C 69 26.96 4.78 -5.30
CA ARG C 69 27.72 5.41 -6.38
C ARG C 69 27.44 6.92 -6.36
N LYS C 70 26.16 7.28 -6.48
CA LYS C 70 25.77 8.69 -6.48
C LYS C 70 26.36 9.43 -5.27
N LYS C 71 26.30 8.79 -4.10
CA LYS C 71 26.84 9.36 -2.86
C LYS C 71 28.29 9.79 -3.00
N LEU C 72 29.15 8.88 -3.47
CA LEU C 72 30.56 9.18 -3.65
C LEU C 72 30.73 10.25 -4.72
N GLN C 73 30.03 10.05 -5.84
CA GLN C 73 30.07 10.97 -6.97
C GLN C 73 29.81 12.39 -6.46
N LEU C 74 28.70 12.55 -5.76
CA LEU C 74 28.34 13.83 -5.19
C LEU C 74 29.44 14.37 -4.27
N ALA C 75 29.92 13.51 -3.36
CA ALA C 75 30.90 13.86 -2.34
C ALA C 75 32.24 14.32 -2.91
N LEU C 76 32.57 13.79 -4.09
CA LEU C 76 33.83 14.06 -4.77
C LEU C 76 33.78 15.38 -5.52
N GLN C 77 32.76 15.53 -6.34
CA GLN C 77 32.50 16.77 -7.07
C GLN C 77 32.30 17.94 -6.08
N ALA C 78 31.86 17.62 -4.86
CA ALA C 78 31.74 18.60 -3.77
C ALA C 78 33.08 19.15 -3.26
N LEU C 79 34.02 18.26 -2.95
CA LEU C 79 35.37 18.65 -2.53
C LEU C 79 36.18 19.35 -3.63
N GLY C 80 35.82 19.08 -4.89
CA GLY C 80 36.45 19.68 -6.05
C GLY C 80 36.14 21.16 -6.21
N SER C 81 34.89 21.54 -6.00
CA SER C 81 34.49 22.96 -5.93
C SER C 81 35.26 23.65 -4.80
N GLU C 82 35.47 22.91 -3.70
CA GLU C 82 36.26 23.35 -2.53
C GLU C 82 35.54 24.37 -1.64
N GLU C 83 34.39 24.87 -2.11
CA GLU C 83 33.49 25.69 -1.31
C GLU C 83 32.72 24.77 -0.34
N GLU C 84 32.32 25.30 0.81
CA GLU C 84 31.76 24.47 1.89
C GLU C 84 30.22 24.54 2.02
N THR C 85 29.51 23.75 1.20
CA THR C 85 28.04 23.69 1.23
C THR C 85 27.48 23.30 2.60
N ASN C 86 26.34 23.88 2.95
CA ASN C 86 25.68 23.58 4.23
C ASN C 86 24.93 22.25 4.24
N TYR C 87 24.18 21.97 3.18
CA TYR C 87 23.50 20.69 3.11
C TYR C 87 24.51 19.55 3.20
N GLY C 88 25.73 19.83 2.74
CA GLY C 88 26.80 18.85 2.75
C GLY C 88 27.35 18.61 4.13
N LYS C 89 27.00 19.48 5.08
CA LYS C 89 27.50 19.32 6.45
C LYS C 89 26.77 18.20 7.21
N LEU C 90 25.58 17.83 6.75
CA LEU C 90 24.72 16.85 7.40
C LEU C 90 24.95 15.44 6.92
N ASP C 91 25.55 14.59 7.74
CA ASP C 91 25.79 13.18 7.37
C ASP C 91 24.53 12.33 7.38
N PHE C 92 24.70 11.03 7.11
CA PHE C 92 23.56 10.14 6.93
C PHE C 92 22.78 9.85 8.20
N ASN C 93 23.46 9.68 9.33
CA ASN C 93 22.78 9.49 10.60
C ASN C 93 21.83 10.63 10.89
N TRP C 94 22.21 11.83 10.47
CA TRP C 94 21.38 12.99 10.69
C TRP C 94 20.11 12.83 9.88
N VAL C 95 20.26 12.45 8.61
CA VAL C 95 19.11 12.29 7.74
C VAL C 95 18.22 11.18 8.25
N THR C 96 18.81 10.15 8.82
CA THR C 96 17.91 9.10 9.25
C THR C 96 17.15 9.44 10.53
N ARG C 97 17.76 10.24 11.42
CA ARG C 97 16.99 10.85 12.50
C ARG C 97 15.85 11.73 11.94
N TRP C 98 16.15 12.50 10.89
CA TRP C 98 15.22 13.47 10.33
C TRP C 98 13.95 12.79 9.85
N LEU C 99 14.04 11.54 9.41
CA LEU C 99 12.83 10.81 9.03
C LEU C 99 11.82 10.65 10.15
N ASP C 100 12.26 10.63 11.42
CA ASP C 100 11.31 10.63 12.55
C ASP C 100 10.62 11.98 12.60
N ASP C 101 11.37 13.04 12.31
CA ASP C 101 10.85 14.40 12.37
C ASP C 101 9.83 14.76 11.29
N ILE C 102 10.04 14.30 10.05
CA ILE C 102 9.12 14.65 8.96
C ILE C 102 7.92 13.69 8.92
N GLY C 103 7.94 12.67 9.77
CA GLY C 103 6.84 11.74 9.85
C GLY C 103 6.93 10.49 8.95
N LEU C 104 8.12 10.02 8.66
CA LEU C 104 8.23 8.90 7.76
C LEU C 104 9.26 7.92 8.28
N PRO C 105 9.07 7.39 9.48
CA PRO C 105 10.06 6.48 10.00
C PRO C 105 9.98 5.09 9.40
N GLN C 106 9.00 4.81 8.56
CA GLN C 106 8.99 3.51 7.93
C GLN C 106 10.13 3.34 6.94
N TYR C 107 10.92 4.40 6.69
CA TYR C 107 11.96 4.31 5.66
C TYR C 107 13.39 4.29 6.20
N LYS C 108 13.54 4.37 7.51
CA LYS C 108 14.88 4.47 8.07
C LYS C 108 15.80 3.34 7.64
N THR C 109 15.28 2.13 7.49
CA THR C 109 16.12 1.01 7.05
C THR C 109 16.72 1.29 5.68
N GLN C 110 15.88 1.64 4.71
CA GLN C 110 16.35 1.89 3.32
C GLN C 110 17.32 3.05 3.19
N PHE C 111 16.96 4.18 3.81
CA PHE C 111 17.78 5.38 3.79
C PHE C 111 19.14 5.14 4.45
N ASP C 112 19.12 4.52 5.62
CA ASP C 112 20.34 4.28 6.36
C ASP C 112 21.22 3.31 5.60
N GLU C 113 20.61 2.38 4.89
CA GLU C 113 21.37 1.38 4.14
C GLU C 113 21.99 1.99 2.90
N GLY C 114 21.38 3.05 2.40
CA GLY C 114 21.89 3.75 1.24
C GLY C 114 22.72 4.96 1.61
N ARG C 115 22.81 5.23 2.91
CA ARG C 115 23.67 6.31 3.42
C ARG C 115 23.30 7.67 2.83
N VAL C 116 21.99 7.92 2.70
CA VAL C 116 21.48 9.22 2.32
C VAL C 116 21.95 10.36 3.26
N ASP C 117 22.80 11.24 2.73
CA ASP C 117 23.26 12.43 3.45
C ASP C 117 22.52 13.68 3.00
N GLY C 118 22.96 14.84 3.50
CA GLY C 118 22.45 16.14 3.03
C GLY C 118 22.61 16.42 1.53
N ARG C 119 23.77 16.10 0.96
CA ARG C 119 23.95 16.24 -0.49
C ARG C 119 22.89 15.45 -1.27
N MET C 120 22.68 14.19 -0.88
CA MET C 120 21.76 13.34 -1.62
C MET C 120 20.34 13.85 -1.53
N LEU C 121 20.01 14.45 -0.38
CA LEU C 121 18.76 15.15 -0.18
C LEU C 121 18.61 16.28 -1.20
N HIS C 122 19.68 17.06 -1.35
CA HIS C 122 19.68 18.18 -2.28
C HIS C 122 19.52 17.70 -3.72
N TYR C 123 20.37 16.78 -4.16
CA TYR C 123 20.24 16.19 -5.49
C TYR C 123 19.22 15.02 -5.61
N MET C 124 18.22 14.97 -4.71
CA MET C 124 17.20 13.90 -4.75
C MET C 124 16.42 13.87 -6.04
N THR C 125 16.40 12.71 -6.70
CA THR C 125 15.54 12.51 -7.87
C THR C 125 14.39 11.55 -7.58
N VAL C 126 13.41 11.55 -8.48
CA VAL C 126 12.17 10.82 -8.24
C VAL C 126 12.38 9.30 -8.27
N ASP C 127 13.33 8.84 -9.08
CA ASP C 127 13.68 7.42 -9.19
C ASP C 127 14.48 6.98 -7.98
N ASP C 128 15.34 7.86 -7.46
CA ASP C 128 16.07 7.62 -6.23
C ASP C 128 15.04 7.27 -5.17
N LEU C 129 14.04 8.14 -4.99
CA LEU C 129 13.03 7.90 -3.96
C LEU C 129 12.27 6.64 -4.29
N LEU C 130 12.01 6.39 -5.57
CA LEU C 130 11.31 5.16 -5.90
C LEU C 130 12.15 3.95 -5.57
N SER C 131 13.46 4.05 -5.71
CA SER C 131 14.30 2.89 -5.39
C SER C 131 14.29 2.61 -3.87
N LEU C 132 14.22 3.68 -3.07
CA LEU C 132 14.16 3.55 -1.62
C LEU C 132 12.76 3.20 -1.21
N LYS C 133 11.97 2.71 -2.16
CA LYS C 133 10.58 2.27 -1.92
C LYS C 133 9.64 3.33 -1.42
N VAL C 134 10.06 4.59 -1.42
CA VAL C 134 9.12 5.70 -1.20
C VAL C 134 8.29 5.93 -2.48
N VAL C 135 7.05 5.48 -2.53
CA VAL C 135 6.32 5.57 -3.81
C VAL C 135 5.10 6.49 -3.78
N SER C 136 4.67 6.87 -2.59
CA SER C 136 3.49 7.67 -2.39
C SER C 136 3.64 9.11 -2.84
N VAL C 137 2.71 9.57 -3.67
CA VAL C 137 2.72 10.95 -4.14
C VAL C 137 2.83 11.87 -2.94
N LEU C 138 2.06 11.56 -1.92
CA LEU C 138 2.05 12.39 -0.73
C LEU C 138 3.41 12.44 -0.04
N HIS C 139 4.06 11.29 0.11
CA HIS C 139 5.40 11.32 0.68
C HIS C 139 6.44 12.09 -0.16
N HIS C 140 6.26 12.19 -1.48
CA HIS C 140 7.16 13.03 -2.30
C HIS C 140 6.90 14.50 -1.97
N LEU C 141 5.63 14.87 -1.81
CA LEU C 141 5.30 16.21 -1.34
C LEU C 141 5.91 16.47 0.01
N SER C 142 5.73 15.53 0.93
CA SER C 142 6.21 15.73 2.26
C SER C 142 7.71 15.98 2.31
N ILE C 143 8.48 15.18 1.57
CA ILE C 143 9.92 15.34 1.46
C ILE C 143 10.27 16.67 0.73
N LYS C 144 9.65 16.92 -0.43
CA LYS C 144 9.96 18.18 -1.11
C LYS C 144 9.80 19.40 -0.19
N ARG C 145 8.70 19.49 0.56
CA ARG C 145 8.53 20.63 1.47
C ARG C 145 9.41 20.61 2.72
N ALA C 146 9.73 19.43 3.23
CA ALA C 146 10.70 19.35 4.34
C ALA C 146 12.05 19.95 3.94
N ILE C 147 12.53 19.61 2.75
CA ILE C 147 13.80 20.13 2.27
C ILE C 147 13.73 21.67 2.17
N GLN C 148 12.60 22.19 1.71
CA GLN C 148 12.37 23.64 1.73
C GLN C 148 12.66 24.24 3.12
N VAL C 149 12.12 23.61 4.17
CA VAL C 149 12.33 24.07 5.55
C VAL C 149 13.82 24.03 5.94
N LEU C 150 14.56 23.06 5.41
CA LEU C 150 15.99 23.03 5.64
C LEU C 150 16.62 24.23 4.93
N ARG C 151 16.21 24.48 3.69
CA ARG C 151 16.67 25.66 2.94
C ARG C 151 16.36 26.96 3.68
N ILE C 152 15.12 27.09 4.14
CA ILE C 152 14.70 28.27 4.93
C ILE C 152 15.63 28.47 6.13
N ASN C 153 16.20 27.38 6.62
CA ASN C 153 17.01 27.40 7.83
C ASN C 153 18.50 27.19 7.57
N ASN C 154 18.94 27.49 6.36
CA ASN C 154 20.36 27.31 6.00
C ASN C 154 20.93 25.94 6.42
N PHE C 155 20.06 24.93 6.46
CA PHE C 155 20.50 23.58 6.76
C PHE C 155 21.21 23.46 8.10
N GLU C 156 20.68 24.16 9.11
CA GLU C 156 21.16 24.09 10.48
C GLU C 156 20.64 22.81 11.14
N PRO C 157 21.56 21.98 11.69
CA PRO C 157 21.26 20.62 12.20
C PRO C 157 20.08 20.53 13.14
N ASN C 158 19.93 21.53 14.01
CA ASN C 158 18.87 21.49 15.02
C ASN C 158 17.62 22.32 14.71
N CYS C 159 17.44 22.71 13.45
CA CYS C 159 16.35 23.62 13.09
C CYS C 159 14.97 23.04 13.40
N LEU C 160 14.82 21.74 13.19
CA LEU C 160 13.59 21.04 13.51
C LEU C 160 13.70 20.46 14.89
N ARG C 161 14.89 19.91 15.16
CA ARG C 161 15.24 19.21 16.41
C ARG C 161 15.41 20.19 17.58
N ARG C 162 15.00 21.43 17.33
CA ARG C 162 14.56 22.29 18.41
C ARG C 162 13.04 22.16 18.50
N ARG C 163 12.55 21.91 19.71
CA ARG C 163 11.18 22.18 20.07
C ARG C 163 11.23 23.44 20.92
N PRO C 164 10.55 24.53 20.48
CA PRO C 164 10.29 25.66 21.38
C PRO C 164 9.05 25.41 22.26
N SER C 165 8.64 26.41 23.05
CA SER C 165 7.45 26.29 23.90
C SER C 165 6.17 26.15 23.06
N ASP C 166 5.09 25.65 23.68
CA ASP C 166 3.79 25.53 23.01
C ASP C 166 3.23 26.88 22.51
N GLU C 167 3.18 27.87 23.41
CA GLU C 167 2.65 29.22 23.10
C GLU C 167 3.31 29.94 21.93
N ASN C 168 4.56 29.53 21.65
CA ASN C 168 5.43 30.10 20.63
C ASN C 168 4.83 30.25 19.22
N SER C 169 3.64 29.68 19.01
CA SER C 169 3.00 29.53 17.70
C SER C 169 2.11 30.73 17.28
N ILE C 170 1.98 31.73 18.15
CA ILE C 170 1.26 33.01 17.88
C ILE C 170 1.77 33.80 16.64
N THR C 171 2.77 33.21 15.97
CA THR C 171 3.25 33.62 14.67
C THR C 171 3.38 32.35 13.85
N PRO C 172 2.63 32.24 12.76
CA PRO C 172 2.60 31.02 11.92
C PRO C 172 3.96 30.54 11.38
N SER C 173 4.87 31.43 10.97
CA SER C 173 6.24 31.06 10.66
C SER C 173 6.74 29.90 11.52
N GLU C 174 6.53 29.97 12.83
CA GLU C 174 6.92 28.89 13.75
C GLU C 174 6.46 27.53 13.29
N VAL C 175 5.18 27.44 12.93
CA VAL C 175 4.56 26.20 12.55
C VAL C 175 5.37 25.53 11.44
N GLN C 176 5.96 26.34 10.55
CA GLN C 176 6.85 25.82 9.50
C GLN C 176 7.86 24.80 10.02
N GLN C 177 8.30 24.95 11.26
CA GLN C 177 9.32 24.05 11.80
C GLN C 177 8.77 22.92 12.68
N TRP C 178 7.46 22.72 12.66
CA TRP C 178 6.83 21.67 13.45
C TRP C 178 7.06 20.29 12.90
N THR C 179 7.51 19.39 13.73
CA THR C 179 7.63 17.98 13.39
C THR C 179 6.26 17.31 13.39
N ASN C 180 6.22 16.09 12.85
CA ASN C 180 5.08 15.19 12.92
C ASN C 180 4.53 15.02 14.37
N HIS C 181 5.40 14.74 15.34
CA HIS C 181 5.00 14.63 16.75
CA HIS C 181 4.93 14.60 16.70
C HIS C 181 4.26 15.90 17.18
N ARG C 182 4.79 17.05 16.75
CA ARG C 182 4.25 18.30 17.26
C ARG C 182 2.82 18.53 16.79
N VAL C 183 2.56 18.13 15.53
CA VAL C 183 1.27 18.24 14.91
C VAL C 183 0.25 17.37 15.64
N MET C 184 0.68 16.15 16.01
CA MET C 184 -0.15 15.27 16.83
C MET C 184 -0.42 15.90 18.17
N GLU C 185 0.61 16.49 18.78
CA GLU C 185 0.45 17.16 20.08
C GLU C 185 -0.56 18.28 19.90
N TRP C 186 -0.47 18.97 18.77
CA TRP C 186 -1.47 19.96 18.37
C TRP C 186 -2.91 19.42 18.26
N LEU C 187 -3.11 18.31 17.55
CA LEU C 187 -4.45 17.73 17.47
C LEU C 187 -5.06 17.39 18.85
N ARG C 188 -4.24 16.86 19.75
CA ARG C 188 -4.72 16.55 21.06
C ARG C 188 -5.21 17.81 21.76
N SER C 189 -4.52 18.94 21.59
CA SER C 189 -4.92 20.22 22.23
C SER C 189 -6.19 20.81 21.66
N VAL C 190 -6.66 20.25 20.56
CA VAL C 190 -7.80 20.75 19.86
C VAL C 190 -8.90 19.67 19.81
N ASP C 191 -8.84 18.73 20.75
CA ASP C 191 -9.79 17.63 20.92
C ASP C 191 -9.90 16.66 19.74
N LEU C 192 -8.81 16.47 19.00
CA LEU C 192 -8.80 15.40 18.01
C LEU C 192 -7.83 14.28 18.36
N ALA C 193 -7.67 14.05 19.67
CA ALA C 193 -6.87 12.94 20.17
C ALA C 193 -7.16 11.57 19.57
N GLU C 194 -8.43 11.26 19.26
CA GLU C 194 -8.84 9.95 18.73
C GLU C 194 -8.25 9.68 17.35
N TYR C 195 -7.83 10.75 16.67
CA TYR C 195 -7.34 10.73 15.29
C TYR C 195 -5.83 10.93 15.20
N ALA C 196 -5.27 11.61 16.20
CA ALA C 196 -3.85 11.99 16.14
C ALA C 196 -2.92 10.84 15.81
N PRO C 197 -3.18 9.61 16.30
CA PRO C 197 -2.19 8.64 15.85
C PRO C 197 -2.27 8.20 14.39
N ASN C 198 -3.27 8.62 13.64
CA ASN C 198 -3.35 8.14 12.27
C ASN C 198 -2.26 8.77 11.44
N LEU C 199 -1.79 9.94 11.88
CA LEU C 199 -0.70 10.68 11.24
C LEU C 199 0.68 10.02 11.40
N ARG C 200 0.73 8.87 12.06
CA ARG C 200 2.00 8.16 12.23
C ARG C 200 2.42 7.56 10.93
N GLY C 201 3.60 7.90 10.45
CA GLY C 201 4.07 7.35 9.19
C GLY C 201 3.43 8.00 7.98
N SER C 202 2.84 9.17 8.16
CA SER C 202 2.08 9.77 7.11
C SER C 202 2.81 10.92 6.43
N GLY C 203 4.00 11.25 6.92
CA GLY C 203 4.73 12.39 6.41
C GLY C 203 4.07 13.74 6.66
N VAL C 204 3.09 13.82 7.55
CA VAL C 204 2.54 15.14 7.84
C VAL C 204 3.41 15.95 8.83
N HIS C 205 3.79 17.15 8.44
CA HIS C 205 4.55 18.05 9.31
C HIS C 205 4.22 19.51 9.00
N GLY C 206 4.70 20.43 9.84
CA GLY C 206 4.45 21.86 9.63
C GLY C 206 4.80 22.40 8.24
N GLY C 207 5.96 21.99 7.74
CA GLY C 207 6.41 22.47 6.45
C GLY C 207 5.39 22.20 5.37
N LEU C 208 4.76 21.03 5.45
CA LEU C 208 3.83 20.62 4.41
C LEU C 208 2.50 21.34 4.61
N MET C 209 2.01 21.36 5.85
CA MET C 209 0.79 22.07 6.14
C MET C 209 0.87 23.52 5.70
N VAL C 210 1.99 24.16 5.98
CA VAL C 210 2.07 25.58 5.80
C VAL C 210 2.48 26.00 4.39
N LEU C 211 3.38 25.25 3.77
CA LEU C 211 3.97 25.71 2.52
C LEU C 211 3.39 25.10 1.25
N GLU C 212 2.72 23.96 1.33
CA GLU C 212 2.23 23.36 0.12
C GLU C 212 0.80 23.82 -0.16
N PRO C 213 0.59 24.62 -1.21
CA PRO C 213 -0.75 25.13 -1.48
C PRO C 213 -1.73 24.04 -1.82
N ARG C 214 -1.21 22.94 -2.39
CA ARG C 214 -2.01 21.76 -2.69
C ARG C 214 -2.49 21.01 -1.45
N PHE C 215 -1.89 21.29 -0.29
CA PHE C 215 -2.25 20.59 0.96
C PHE C 215 -3.18 21.42 1.81
N ASN C 216 -4.37 20.91 2.05
CA ASN C 216 -5.38 21.66 2.81
C ASN C 216 -6.22 20.76 3.76
N VAL C 217 -7.25 21.33 4.37
CA VAL C 217 -8.19 20.65 5.25
C VAL C 217 -8.65 19.26 4.82
N GLU C 218 -8.95 19.10 3.53
CA GLU C 218 -9.45 17.83 2.96
C GLU C 218 -8.40 16.75 2.94
N THR C 219 -7.17 17.15 2.66
CA THR C 219 -6.04 16.26 2.69
C THR C 219 -5.84 15.88 4.14
N MET C 220 -5.82 16.89 5.00
CA MET C 220 -5.62 16.65 6.40
C MET C 220 -6.66 15.65 6.89
N ALA C 221 -7.92 15.92 6.56
CA ALA C 221 -8.99 15.09 7.05
C ALA C 221 -8.96 13.70 6.45
N GLN C 222 -8.38 13.55 5.27
CA GLN C 222 -8.28 12.22 4.68
C GLN C 222 -7.27 11.39 5.44
N LEU C 223 -6.10 11.97 5.67
CA LEU C 223 -5.02 11.35 6.41
C LEU C 223 -5.41 10.97 7.84
N LEU C 224 -6.36 11.70 8.42
CA LEU C 224 -6.80 11.45 9.80
C LEU C 224 -7.88 10.37 9.89
N ASN C 225 -8.38 9.93 8.74
CA ASN C 225 -9.49 8.99 8.66
C ASN C 225 -10.78 9.58 9.22
N ILE C 226 -11.03 10.85 8.89
CA ILE C 226 -12.32 11.41 9.20
C ILE C 226 -13.19 11.33 7.96
N PRO C 227 -14.15 10.40 7.94
CA PRO C 227 -15.02 10.21 6.78
C PRO C 227 -15.59 11.52 6.26
N PRO C 228 -15.80 11.61 4.93
CA PRO C 228 -16.41 12.80 4.31
C PRO C 228 -17.77 13.15 4.94
N ASN C 229 -18.45 12.16 5.50
CA ASN C 229 -19.78 12.38 6.07
C ASN C 229 -19.81 13.01 7.47
N LYS C 230 -18.67 13.02 8.15
CA LYS C 230 -18.62 13.68 9.44
C LYS C 230 -18.33 15.18 9.25
N THR C 231 -19.34 15.87 8.78
CA THR C 231 -19.26 17.30 8.53
C THR C 231 -18.87 18.07 9.77
N LEU C 232 -19.51 17.75 10.89
CA LEU C 232 -19.30 18.50 12.13
C LEU C 232 -17.84 18.37 12.56
N LEU C 233 -17.30 17.16 12.50
CA LEU C 233 -15.89 17.00 12.83
C LEU C 233 -14.95 17.79 11.91
N ARG C 234 -15.11 17.66 10.59
CA ARG C 234 -14.30 18.43 9.62
C ARG C 234 -14.41 19.94 9.80
N ARG C 235 -15.58 20.40 10.22
CA ARG C 235 -15.80 21.79 10.47
C ARG C 235 -14.88 22.22 11.60
N HIS C 236 -14.93 21.50 12.72
CA HIS C 236 -14.01 21.74 13.83
C HIS C 236 -12.58 21.78 13.34
N LEU C 237 -12.19 20.75 12.59
CA LEU C 237 -10.85 20.66 12.06
C LEU C 237 -10.47 21.87 11.19
N ALA C 238 -11.37 22.31 10.30
CA ALA C 238 -11.06 23.44 9.44
C ALA C 238 -10.81 24.65 10.29
N THR C 239 -11.72 24.92 11.22
CA THR C 239 -11.57 26.06 12.11
C THR C 239 -10.23 26.10 12.79
N HIS C 240 -9.68 24.95 13.16
CA HIS C 240 -8.42 24.98 13.89
C HIS C 240 -7.18 25.00 13.02
N PHE C 241 -7.23 24.23 11.94
CA PHE C 241 -6.22 24.26 10.88
C PHE C 241 -5.92 25.68 10.36
N ASN C 242 -6.97 26.41 10.00
CA ASN C 242 -6.84 27.76 9.51
C ASN C 242 -6.23 28.71 10.54
N LEU C 243 -6.58 28.55 11.82
CA LEU C 243 -6.00 29.42 12.85
C LEU C 243 -4.53 29.09 13.01
N LEU C 244 -4.19 27.83 12.80
CA LEU C 244 -2.83 27.36 12.88
C LEU C 244 -1.98 27.98 11.77
N ILE C 245 -2.39 27.76 10.52
CA ILE C 245 -1.58 28.15 9.36
C ILE C 245 -1.43 29.64 9.11
N GLY C 246 -2.45 30.42 9.42
CA GLY C 246 -2.37 31.86 9.23
C GLY C 246 -3.32 32.39 8.16
N ALA C 247 -3.27 33.69 7.93
CA ALA C 247 -4.13 34.32 6.93
C ALA C 247 -3.62 34.09 5.51
N GLU C 248 -2.37 34.49 5.25
CA GLU C 248 -1.73 34.28 3.96
C GLU C 248 -1.81 32.81 3.51
N ALA C 249 -1.34 31.88 4.34
CA ALA C 249 -1.35 30.48 3.96
C ALA C 249 -2.78 30.05 3.65
N GLN C 250 -3.73 30.60 4.40
CA GLN C 250 -5.13 30.30 4.14
C GLN C 250 -5.52 30.79 2.76
N HIS C 251 -5.10 32.01 2.44
CA HIS C 251 -5.45 32.64 1.19
C HIS C 251 -4.78 31.91 0.02
N GLN C 252 -3.52 31.52 0.23
CA GLN C 252 -2.74 30.82 -0.77
C GLN C 252 -3.49 29.58 -1.24
N LYS C 253 -4.02 28.83 -0.26
CA LYS C 253 -4.71 27.55 -0.51
C LYS C 253 -6.09 27.75 -1.12
N ARG C 254 -6.81 28.78 -0.67
CA ARG C 254 -8.05 29.17 -1.33
C ARG C 254 -7.77 29.49 -2.82
N ASP C 255 -6.72 30.28 -3.09
CA ASP C 255 -6.36 30.67 -4.45
C ASP C 255 -6.07 29.46 -5.35
N ALA C 256 -5.33 28.49 -4.83
CA ALA C 256 -4.94 27.30 -5.62
C ALA C 256 -6.13 26.47 -6.08
N MET C 257 -7.18 26.45 -5.26
CA MET C 257 -8.44 25.83 -5.62
C MET C 257 -9.01 26.30 -6.97
N GLU C 258 -8.71 27.53 -7.40
CA GLU C 258 -9.21 28.08 -8.69
C GLU C 258 -8.49 27.50 -9.90
N LEU C 259 -7.34 26.88 -9.67
CA LEU C 259 -6.56 26.22 -10.71
C LEU C 259 -6.40 24.75 -10.34
N PRO C 260 -7.31 23.91 -10.86
CA PRO C 260 -7.26 22.50 -10.52
C PRO C 260 -5.93 21.87 -10.93
N ASP C 261 -5.45 20.98 -10.09
CA ASP C 261 -4.22 20.24 -10.31
C ASP C 261 -4.50 19.06 -11.26
N TYR C 262 -4.86 19.37 -12.50
CA TYR C 262 -5.07 18.35 -13.51
C TYR C 262 -3.90 17.40 -13.73
N VAL C 263 -4.24 16.14 -14.01
CA VAL C 263 -3.27 15.07 -14.23
C VAL C 263 -2.73 15.14 -15.65
N LEU C 264 -3.57 15.47 -16.62
CA LEU C 264 -3.16 15.51 -18.01
C LEU C 264 -3.49 16.83 -18.71
N LEU C 265 -2.45 17.61 -19.01
CA LEU C 265 -2.60 18.92 -19.67
C LEU C 265 -2.98 18.84 -21.16
N MET D 13 -36.01 17.33 -26.79
CA MET D 13 -36.25 18.37 -25.76
C MET D 13 -34.94 18.75 -25.07
N PRO D 14 -34.74 20.06 -24.79
CA PRO D 14 -33.49 20.53 -24.15
C PRO D 14 -33.44 20.21 -22.66
N PHE D 15 -32.27 20.32 -22.02
CA PHE D 15 -32.14 19.92 -20.62
C PHE D 15 -32.96 20.74 -19.63
N ALA D 16 -33.05 22.05 -19.82
CA ALA D 16 -33.83 22.90 -18.93
C ALA D 16 -35.33 22.55 -18.94
N LYS D 17 -35.76 21.81 -19.96
CA LYS D 17 -37.17 21.45 -20.11
C LYS D 17 -37.49 19.99 -19.71
N TRP D 18 -36.51 19.29 -19.14
CA TRP D 18 -36.74 17.95 -18.61
C TRP D 18 -37.60 18.03 -17.34
N THR D 19 -38.57 17.12 -17.21
CA THR D 19 -39.49 17.08 -16.08
C THR D 19 -38.86 16.38 -14.88
N LYS D 20 -39.43 16.60 -13.70
CA LYS D 20 -38.98 15.94 -12.46
C LYS D 20 -38.64 14.46 -12.67
N GLU D 21 -39.64 13.65 -13.04
CA GLU D 21 -39.45 12.21 -13.23
C GLU D 21 -38.40 11.87 -14.29
N GLN D 22 -38.18 12.79 -15.23
CA GLN D 22 -37.19 12.63 -16.28
C GLN D 22 -35.79 12.90 -15.76
N VAL D 23 -35.63 13.94 -14.94
CA VAL D 23 -34.34 14.26 -14.34
C VAL D 23 -33.94 13.13 -13.39
N CYS D 24 -34.88 12.67 -12.57
CA CYS D 24 -34.68 11.60 -11.60
C CYS D 24 -34.23 10.28 -12.23
N SER D 25 -34.78 9.95 -13.40
CA SER D 25 -34.37 8.75 -14.12
C SER D 25 -32.93 8.93 -14.62
N TRP D 26 -32.62 10.12 -15.12
CA TRP D 26 -31.26 10.47 -15.54
C TRP D 26 -30.30 10.38 -14.36
N LEU D 27 -30.70 11.00 -13.25
CA LEU D 27 -29.88 11.05 -12.05
C LEU D 27 -29.58 9.65 -11.48
N ALA D 28 -30.53 8.73 -11.61
CA ALA D 28 -30.31 7.36 -11.16
C ALA D 28 -29.42 6.59 -12.12
N GLU D 29 -29.56 6.88 -13.41
CA GLU D 29 -28.75 6.30 -14.49
C GLU D 29 -27.28 6.70 -14.38
N GLN D 30 -27.02 7.93 -13.95
CA GLN D 30 -25.68 8.38 -13.62
C GLN D 30 -25.14 7.68 -12.37
N GLY D 31 -25.89 6.73 -11.83
CA GLY D 31 -25.48 6.05 -10.62
C GLY D 31 -25.55 6.91 -9.37
N LEU D 32 -26.50 7.86 -9.34
CA LEU D 32 -26.70 8.74 -8.19
C LEU D 32 -28.09 8.59 -7.55
N GLY D 33 -28.64 7.37 -7.65
CA GLY D 33 -29.96 7.05 -7.10
C GLY D 33 -30.15 7.35 -5.63
N SER D 34 -29.16 7.02 -4.80
CA SER D 34 -29.29 7.14 -3.34
C SER D 34 -29.60 8.55 -2.81
N TYR D 35 -29.32 9.58 -3.61
CA TYR D 35 -29.60 10.95 -3.18
C TYR D 35 -31.07 11.35 -3.30
N LEU D 36 -31.77 10.79 -4.28
CA LEU D 36 -33.19 11.07 -4.54
C LEU D 36 -34.11 11.02 -3.30
N SER D 37 -33.88 10.07 -2.41
CA SER D 37 -34.72 9.92 -1.19
C SER D 37 -34.83 11.25 -0.43
N SER D 38 -33.71 11.98 -0.35
CA SER D 38 -33.65 13.24 0.39
C SER D 38 -33.80 14.48 -0.52
N GLY D 39 -33.55 14.31 -1.82
CA GLY D 39 -33.57 15.43 -2.78
C GLY D 39 -34.73 15.52 -3.76
N LYS D 40 -35.36 14.38 -4.05
CA LYS D 40 -36.50 14.28 -4.99
C LYS D 40 -37.56 15.38 -4.84
N HIS D 41 -37.83 15.82 -3.61
CA HIS D 41 -38.86 16.85 -3.35
C HIS D 41 -38.52 18.24 -3.90
N TRP D 42 -37.23 18.48 -4.13
CA TRP D 42 -36.71 19.80 -4.49
C TRP D 42 -36.66 20.01 -6.00
N ILE D 43 -36.41 18.93 -6.75
CA ILE D 43 -36.27 19.01 -8.21
C ILE D 43 -37.63 19.16 -8.89
N ILE D 44 -37.84 20.33 -9.51
CA ILE D 44 -39.07 20.62 -10.23
C ILE D 44 -38.82 20.57 -11.74
N SER D 45 -37.70 21.16 -12.16
CA SER D 45 -37.28 21.15 -13.55
C SER D 45 -35.76 21.06 -13.64
N GLY D 46 -35.26 20.51 -14.75
CA GLY D 46 -33.82 20.51 -15.02
C GLY D 46 -33.20 21.87 -14.75
N GLN D 47 -34.01 22.91 -14.94
CA GLN D 47 -33.63 24.28 -14.62
C GLN D 47 -33.16 24.42 -13.17
N THR D 48 -33.74 23.62 -12.28
CA THR D 48 -33.39 23.64 -10.85
C THR D 48 -31.90 23.34 -10.66
N LEU D 49 -31.44 22.22 -11.20
CA LEU D 49 -30.03 21.84 -11.06
C LEU D 49 -29.11 22.79 -11.84
N LEU D 50 -29.62 23.36 -12.93
CA LEU D 50 -28.85 24.31 -13.72
C LEU D 50 -28.68 25.66 -13.02
N GLN D 51 -29.78 26.20 -12.51
CA GLN D 51 -29.78 27.52 -11.89
C GLN D 51 -29.25 27.49 -10.45
N ALA D 52 -29.07 26.28 -9.91
CA ALA D 52 -28.62 26.12 -8.53
C ALA D 52 -27.12 26.34 -8.40
N SER D 53 -26.73 27.02 -7.32
CA SER D 53 -25.32 27.12 -6.96
C SER D 53 -24.81 25.74 -6.52
N GLN D 54 -23.50 25.56 -6.49
CA GLN D 54 -22.93 24.25 -6.14
C GLN D 54 -23.25 23.87 -4.68
N GLN D 55 -23.12 24.82 -3.76
CA GLN D 55 -23.44 24.55 -2.36
C GLN D 55 -24.92 24.22 -2.16
N ASP D 56 -25.79 24.85 -2.95
CA ASP D 56 -27.23 24.54 -2.96
C ASP D 56 -27.51 23.10 -3.40
N LEU D 57 -26.95 22.70 -4.55
CA LEU D 57 -27.02 21.31 -5.00
C LEU D 57 -26.57 20.38 -3.89
N GLU D 58 -25.35 20.59 -3.42
CA GLU D 58 -24.69 19.73 -2.46
C GLU D 58 -25.41 19.68 -1.12
N LYS D 59 -26.05 20.79 -0.75
CA LYS D 59 -26.80 20.85 0.50
C LYS D 59 -28.21 20.26 0.34
N GLU D 60 -28.88 20.61 -0.77
CA GLU D 60 -30.24 20.11 -1.01
C GLU D 60 -30.28 18.63 -1.34
N LEU D 61 -29.40 18.16 -2.22
CA LEU D 61 -29.33 16.74 -2.57
C LEU D 61 -28.51 15.94 -1.55
N GLY D 62 -28.01 16.62 -0.53
CA GLY D 62 -27.25 16.00 0.56
C GLY D 62 -26.05 15.18 0.12
N ILE D 63 -25.29 15.68 -0.86
CA ILE D 63 -24.16 14.96 -1.40
C ILE D 63 -22.89 15.37 -0.66
N LYS D 64 -22.12 14.39 -0.18
CA LYS D 64 -20.93 14.70 0.60
C LYS D 64 -19.65 14.18 -0.06
N HIS D 65 -19.75 13.03 -0.71
CA HIS D 65 -18.65 12.41 -1.44
C HIS D 65 -18.18 13.38 -2.53
N SER D 66 -16.94 13.83 -2.44
CA SER D 66 -16.39 14.85 -3.34
C SER D 66 -16.46 14.48 -4.84
N LEU D 67 -16.18 13.22 -5.18
CA LEU D 67 -16.32 12.73 -6.55
C LEU D 67 -17.76 12.77 -7.05
N HIS D 68 -18.74 12.55 -6.17
CA HIS D 68 -20.12 12.67 -6.58
C HIS D 68 -20.44 14.13 -6.90
N ARG D 69 -19.93 15.04 -6.08
CA ARG D 69 -20.06 16.48 -6.35
C ARG D 69 -19.43 16.86 -7.70
N LYS D 70 -18.18 16.46 -7.90
CA LYS D 70 -17.48 16.76 -9.13
C LYS D 70 -18.21 16.16 -10.34
N LYS D 71 -18.69 14.91 -10.20
CA LYS D 71 -19.44 14.25 -11.28
C LYS D 71 -20.65 15.07 -11.71
N LEU D 72 -21.41 15.55 -10.74
CA LEU D 72 -22.63 16.28 -11.04
C LEU D 72 -22.27 17.65 -11.62
N GLN D 73 -21.32 18.34 -10.99
CA GLN D 73 -20.90 19.66 -11.45
C GLN D 73 -20.51 19.61 -12.92
N LEU D 74 -19.64 18.66 -13.29
CA LEU D 74 -19.19 18.51 -14.68
C LEU D 74 -20.34 18.16 -15.63
N ALA D 75 -21.15 17.17 -15.27
CA ALA D 75 -22.32 16.78 -16.06
C ALA D 75 -23.23 17.96 -16.34
N LEU D 76 -23.54 18.73 -15.30
CA LEU D 76 -24.39 19.89 -15.47
C LEU D 76 -23.74 20.93 -16.37
N GLN D 77 -22.43 21.12 -16.24
CA GLN D 77 -21.73 22.10 -17.05
C GLN D 77 -21.83 21.72 -18.53
N ALA D 78 -21.77 20.42 -18.80
CA ALA D 78 -21.90 19.97 -20.16
C ALA D 78 -23.32 20.19 -20.65
N LEU D 79 -24.31 19.71 -19.92
CA LEU D 79 -25.68 19.76 -20.38
C LEU D 79 -26.16 21.18 -20.63
N GLY D 80 -25.70 22.12 -19.82
CA GLY D 80 -26.14 23.52 -19.91
C GLY D 80 -25.51 24.31 -21.02
N SER D 81 -24.39 23.81 -21.55
CA SER D 81 -23.69 24.45 -22.64
C SER D 81 -23.86 23.63 -23.92
N GLU D 82 -24.71 22.61 -23.83
CA GLU D 82 -24.99 21.70 -24.95
C GLU D 82 -23.70 21.14 -25.52
N GLU D 83 -22.83 20.70 -24.63
CA GLU D 83 -21.59 20.10 -25.05
C GLU D 83 -21.78 18.74 -25.69
N GLU D 84 -21.00 18.49 -26.73
CA GLU D 84 -20.96 17.18 -27.34
C GLU D 84 -19.50 16.78 -27.40
N THR D 85 -19.05 15.97 -26.44
CA THR D 85 -17.67 15.47 -26.45
C THR D 85 -17.63 13.94 -26.41
N ASN D 86 -16.56 13.36 -26.96
CA ASN D 86 -16.43 11.90 -27.00
C ASN D 86 -16.20 11.28 -25.65
N TYR D 87 -15.32 11.90 -24.86
CA TYR D 87 -15.05 11.43 -23.51
C TYR D 87 -16.36 11.31 -22.73
N GLY D 88 -17.24 12.29 -22.90
CA GLY D 88 -18.54 12.34 -22.22
C GLY D 88 -19.46 11.17 -22.52
N LYS D 89 -19.25 10.50 -23.64
CA LYS D 89 -20.08 9.34 -23.93
C LYS D 89 -19.67 8.08 -23.13
N LEU D 90 -18.57 8.15 -22.39
CA LEU D 90 -18.10 7.00 -21.64
C LEU D 90 -18.62 6.99 -20.20
N ASP D 91 -19.48 6.04 -19.86
CA ASP D 91 -20.06 6.00 -18.50
C ASP D 91 -19.20 5.29 -17.48
N PHE D 92 -19.56 5.39 -16.21
CA PHE D 92 -18.76 4.83 -15.13
C PHE D 92 -18.55 3.34 -15.29
N ASN D 93 -19.52 2.62 -15.84
CA ASN D 93 -19.27 1.21 -16.09
C ASN D 93 -18.13 0.92 -17.05
N TRP D 94 -17.92 1.77 -18.06
CA TRP D 94 -16.82 1.60 -19.02
C TRP D 94 -15.48 1.88 -18.38
N VAL D 95 -15.44 2.91 -17.54
CA VAL D 95 -14.21 3.27 -16.83
C VAL D 95 -13.82 2.17 -15.87
N THR D 96 -14.80 1.64 -15.15
CA THR D 96 -14.42 0.61 -14.20
C THR D 96 -13.94 -0.68 -14.89
N ARG D 97 -14.45 -0.99 -16.08
CA ARG D 97 -13.86 -2.07 -16.88
C ARG D 97 -12.48 -1.66 -17.35
N TRP D 98 -12.34 -0.41 -17.79
CA TRP D 98 -11.06 0.10 -18.30
C TRP D 98 -9.90 -0.18 -17.35
N LEU D 99 -10.13 -0.19 -16.04
CA LEU D 99 -9.06 -0.42 -15.08
C LEU D 99 -8.47 -1.79 -15.21
N ASP D 100 -9.27 -2.78 -15.62
CA ASP D 100 -8.69 -4.08 -15.99
C ASP D 100 -7.68 -3.92 -17.15
N ASP D 101 -8.03 -3.11 -18.14
CA ASP D 101 -7.20 -2.88 -19.33
C ASP D 101 -5.88 -2.16 -19.06
N ILE D 102 -5.85 -1.21 -18.14
CA ILE D 102 -4.63 -0.45 -17.94
C ILE D 102 -3.77 -1.09 -16.82
N GLY D 103 -4.26 -2.21 -16.26
CA GLY D 103 -3.52 -2.94 -15.23
C GLY D 103 -3.62 -2.42 -13.81
N LEU D 104 -4.79 -1.94 -13.42
CA LEU D 104 -5.05 -1.51 -12.05
C LEU D 104 -6.40 -2.03 -11.48
N PRO D 105 -6.64 -3.35 -11.58
CA PRO D 105 -7.97 -3.76 -11.10
C PRO D 105 -8.22 -3.49 -9.62
N GLN D 106 -7.17 -3.30 -8.83
CA GLN D 106 -7.35 -3.08 -7.37
C GLN D 106 -8.11 -1.79 -7.03
N TYR D 107 -8.26 -0.90 -8.01
CA TYR D 107 -9.02 0.32 -7.81
C TYR D 107 -10.48 0.23 -8.29
N LYS D 108 -10.91 -0.94 -8.78
CA LYS D 108 -12.25 -1.04 -9.37
C LYS D 108 -13.35 -0.59 -8.41
N THR D 109 -13.32 -1.11 -7.19
CA THR D 109 -14.27 -0.71 -6.15
C THR D 109 -14.31 0.79 -5.93
N GLN D 110 -13.16 1.41 -5.71
CA GLN D 110 -13.13 2.86 -5.43
C GLN D 110 -13.75 3.65 -6.60
N PHE D 111 -13.22 3.42 -7.82
CA PHE D 111 -13.70 4.08 -9.02
C PHE D 111 -15.19 3.86 -9.19
N ASP D 112 -15.63 2.61 -9.18
CA ASP D 112 -17.04 2.30 -9.40
C ASP D 112 -17.95 2.98 -8.40
N GLU D 113 -17.50 3.06 -7.17
CA GLU D 113 -18.27 3.61 -6.08
C GLU D 113 -18.30 5.13 -6.25
N GLY D 114 -17.17 5.70 -6.69
CA GLY D 114 -17.13 7.10 -7.01
C GLY D 114 -17.87 7.48 -8.29
N ARG D 115 -18.33 6.47 -9.03
CA ARG D 115 -19.06 6.69 -10.29
C ARG D 115 -18.21 7.42 -11.33
N VAL D 116 -16.89 7.26 -11.23
CA VAL D 116 -15.96 7.91 -12.14
C VAL D 116 -16.28 7.56 -13.58
N ASP D 117 -16.44 8.58 -14.42
CA ASP D 117 -16.83 8.43 -15.83
C ASP D 117 -15.85 9.14 -16.78
N GLY D 118 -16.03 8.94 -18.08
CA GLY D 118 -15.19 9.62 -19.09
C GLY D 118 -14.85 11.08 -18.80
N ARG D 119 -15.87 11.87 -18.50
CA ARG D 119 -15.67 13.28 -18.24
C ARG D 119 -14.68 13.49 -17.08
N MET D 120 -14.88 12.68 -16.04
CA MET D 120 -14.02 12.76 -14.88
C MET D 120 -12.57 12.33 -15.20
N LEU D 121 -12.39 11.36 -16.09
CA LEU D 121 -11.06 11.05 -16.62
C LEU D 121 -10.47 12.30 -17.29
N HIS D 122 -11.24 12.93 -18.18
CA HIS D 122 -10.76 14.11 -18.88
C HIS D 122 -10.34 15.24 -17.92
N TYR D 123 -10.97 15.36 -16.75
CA TYR D 123 -10.63 16.41 -15.78
C TYR D 123 -10.00 15.87 -14.49
N MET D 124 -9.44 14.65 -14.53
CA MET D 124 -8.81 14.04 -13.35
C MET D 124 -7.84 15.04 -12.73
N THR D 125 -7.88 15.19 -11.42
CA THR D 125 -6.86 15.96 -10.74
C THR D 125 -6.09 15.03 -9.83
N VAL D 126 -4.92 15.47 -9.38
CA VAL D 126 -4.11 14.72 -8.44
C VAL D 126 -4.88 14.38 -7.14
N ASP D 127 -5.65 15.33 -6.60
CA ASP D 127 -6.46 15.12 -5.42
C ASP D 127 -7.59 14.14 -5.66
N ASP D 128 -8.18 14.20 -6.85
CA ASP D 128 -9.20 13.21 -7.21
C ASP D 128 -8.62 11.80 -7.03
N LEU D 129 -7.43 11.58 -7.58
CA LEU D 129 -6.83 10.26 -7.51
C LEU D 129 -6.47 9.87 -6.08
N LEU D 130 -5.96 10.82 -5.30
CA LEU D 130 -5.61 10.56 -3.93
C LEU D 130 -6.85 10.19 -3.14
N SER D 131 -8.01 10.67 -3.55
CA SER D 131 -9.18 10.40 -2.72
C SER D 131 -9.82 9.10 -3.16
N LEU D 132 -9.36 8.60 -4.31
CA LEU D 132 -9.71 7.29 -4.79
C LEU D 132 -8.60 6.34 -4.39
N LYS D 133 -7.80 6.77 -3.40
CA LYS D 133 -6.76 5.92 -2.82
C LYS D 133 -5.60 5.50 -3.76
N VAL D 134 -5.56 6.03 -4.97
CA VAL D 134 -4.42 5.78 -5.87
C VAL D 134 -3.26 6.66 -5.41
N VAL D 135 -2.30 6.11 -4.66
CA VAL D 135 -1.22 7.00 -4.13
C VAL D 135 0.15 6.91 -4.81
N SER D 136 0.34 5.91 -5.63
CA SER D 136 1.65 5.66 -6.14
C SER D 136 2.00 6.60 -7.28
N VAL D 137 3.12 7.31 -7.12
CA VAL D 137 3.69 8.13 -8.17
C VAL D 137 3.57 7.41 -9.50
N LEU D 138 3.85 6.13 -9.47
CA LEU D 138 3.90 5.33 -10.68
C LEU D 138 2.53 5.09 -11.25
N HIS D 139 1.56 4.91 -10.38
CA HIS D 139 0.20 4.75 -10.83
C HIS D 139 -0.41 6.03 -11.38
N HIS D 140 0.12 7.18 -10.97
CA HIS D 140 -0.37 8.43 -11.53
C HIS D 140 0.15 8.58 -12.95
N LEU D 141 1.43 8.30 -13.14
CA LEU D 141 2.03 8.29 -14.46
C LEU D 141 1.24 7.35 -15.34
N SER D 142 0.97 6.15 -14.82
CA SER D 142 0.17 5.18 -15.55
C SER D 142 -1.17 5.77 -15.99
N ILE D 143 -1.93 6.39 -15.08
CA ILE D 143 -3.26 6.93 -15.43
C ILE D 143 -3.12 8.12 -16.36
N LYS D 144 -2.15 9.01 -16.10
CA LYS D 144 -1.85 10.13 -17.01
C LYS D 144 -1.71 9.65 -18.46
N ARG D 145 -0.92 8.59 -18.66
CA ARG D 145 -0.67 8.11 -20.01
C ARG D 145 -1.80 7.30 -20.58
N ALA D 146 -2.54 6.57 -19.73
CA ALA D 146 -3.71 5.86 -20.22
C ALA D 146 -4.72 6.83 -20.82
N ILE D 147 -4.98 7.94 -20.11
CA ILE D 147 -5.95 8.92 -20.57
C ILE D 147 -5.46 9.53 -21.89
N GLN D 148 -4.22 9.99 -21.92
CA GLN D 148 -3.60 10.43 -23.18
C GLN D 148 -3.82 9.41 -24.30
N VAL D 149 -3.64 8.13 -24.03
CA VAL D 149 -3.87 7.13 -25.08
C VAL D 149 -5.32 7.18 -25.55
N LEU D 150 -6.28 7.23 -24.61
CA LEU D 150 -7.69 7.40 -24.97
C LEU D 150 -7.85 8.61 -25.86
N ARG D 151 -7.30 9.74 -25.39
CA ARG D 151 -7.41 10.99 -26.11
C ARG D 151 -6.87 10.88 -27.54
N ILE D 152 -5.75 10.19 -27.72
CA ILE D 152 -5.16 10.03 -29.05
C ILE D 152 -6.11 9.22 -29.91
N ASN D 153 -6.83 8.31 -29.26
CA ASN D 153 -7.83 7.50 -29.92
C ASN D 153 -9.25 8.06 -29.91
N ASN D 154 -9.37 9.37 -29.68
CA ASN D 154 -10.68 10.01 -29.71
C ASN D 154 -11.73 9.33 -28.84
N PHE D 155 -11.30 8.77 -27.72
CA PHE D 155 -12.20 8.22 -26.71
C PHE D 155 -13.17 7.18 -27.27
N GLU D 156 -12.73 6.45 -28.28
CA GLU D 156 -13.52 5.35 -28.86
C GLU D 156 -13.60 4.19 -27.86
N PRO D 157 -14.83 3.71 -27.57
CA PRO D 157 -15.00 2.74 -26.50
C PRO D 157 -14.14 1.48 -26.64
N ASN D 158 -13.84 1.06 -27.86
CA ASN D 158 -13.08 -0.18 -28.04
C ASN D 158 -11.65 0.05 -28.51
N CYS D 159 -11.06 1.20 -28.19
CA CYS D 159 -9.75 1.49 -28.76
C CYS D 159 -8.69 0.54 -28.24
N LEU D 160 -8.81 0.11 -27.00
CA LEU D 160 -7.88 -0.83 -26.45
C LEU D 160 -8.40 -2.23 -26.69
N ARG D 161 -9.72 -2.38 -26.58
CA ARG D 161 -10.37 -3.68 -26.73
C ARG D 161 -9.96 -4.27 -28.05
N ARG D 162 -10.21 -3.56 -29.14
CA ARG D 162 -9.70 -4.01 -30.41
C ARG D 162 -8.25 -4.38 -30.20
N ARG D 163 -7.97 -5.66 -30.38
CA ARG D 163 -6.64 -6.15 -30.64
C ARG D 163 -6.63 -6.38 -32.15
N PRO D 164 -6.04 -5.44 -32.93
CA PRO D 164 -5.97 -5.62 -34.38
C PRO D 164 -5.27 -6.92 -34.73
N SER D 165 -5.82 -7.63 -35.72
CA SER D 165 -5.34 -8.97 -36.06
C SER D 165 -3.98 -9.01 -36.75
N ASP D 166 -3.42 -7.86 -37.11
CA ASP D 166 -2.04 -7.82 -37.62
C ASP D 166 -1.06 -8.06 -36.48
N GLU D 167 -0.32 -9.16 -36.59
CA GLU D 167 0.45 -9.71 -35.48
C GLU D 167 1.95 -9.77 -35.80
N ASN D 168 2.25 -10.02 -37.07
CA ASN D 168 3.63 -10.21 -37.56
C ASN D 168 4.64 -9.08 -37.32
N SER D 169 4.15 -7.83 -37.24
CA SER D 169 4.99 -6.63 -37.11
C SER D 169 4.22 -5.48 -36.44
N ILE D 170 4.89 -4.73 -35.55
CA ILE D 170 4.19 -3.84 -34.62
C ILE D 170 4.83 -2.47 -34.42
N THR D 171 4.16 -1.46 -34.94
CA THR D 171 4.63 -0.09 -34.91
C THR D 171 4.30 0.57 -33.56
N PRO D 172 5.12 1.54 -33.12
CA PRO D 172 4.92 2.30 -31.89
C PRO D 172 3.48 2.77 -31.61
N SER D 173 2.77 3.25 -32.63
CA SER D 173 1.39 3.70 -32.44
C SER D 173 0.46 2.54 -32.15
N GLU D 174 0.70 1.38 -32.74
CA GLU D 174 -0.08 0.18 -32.40
C GLU D 174 0.17 -0.28 -30.96
N VAL D 175 1.43 -0.30 -30.54
CA VAL D 175 1.81 -0.64 -29.19
C VAL D 175 1.18 0.31 -28.18
N GLN D 176 1.03 1.59 -28.54
CA GLN D 176 0.28 2.54 -27.68
C GLN D 176 -1.02 1.96 -27.14
N GLN D 177 -1.69 1.15 -27.94
CA GLN D 177 -2.98 0.61 -27.53
C GLN D 177 -2.93 -0.71 -26.76
N TRP D 178 -1.74 -1.11 -26.33
CA TRP D 178 -1.57 -2.38 -25.62
C TRP D 178 -2.05 -2.33 -24.18
N THR D 179 -2.98 -3.22 -23.85
CA THR D 179 -3.36 -3.47 -22.48
C THR D 179 -2.25 -4.21 -21.74
N ASN D 180 -2.34 -4.14 -20.41
CA ASN D 180 -1.48 -4.81 -19.47
C ASN D 180 -1.38 -6.31 -19.78
N HIS D 181 -2.52 -6.91 -20.10
CA HIS D 181 -2.59 -8.32 -20.47
C HIS D 181 -1.78 -8.52 -21.73
N ARG D 182 -1.87 -7.58 -22.67
CA ARG D 182 -1.16 -7.75 -23.94
C ARG D 182 0.36 -7.62 -23.74
N VAL D 183 0.76 -6.72 -22.85
CA VAL D 183 2.16 -6.60 -22.46
C VAL D 183 2.71 -7.92 -21.84
N MET D 184 1.92 -8.55 -20.98
CA MET D 184 2.34 -9.80 -20.35
C MET D 184 2.61 -10.83 -21.41
N GLU D 185 1.69 -10.91 -22.39
CA GLU D 185 1.80 -11.86 -23.50
C GLU D 185 3.08 -11.56 -24.25
N TRP D 186 3.35 -10.29 -24.50
CA TRP D 186 4.60 -9.89 -25.13
C TRP D 186 5.79 -10.43 -24.36
N LEU D 187 5.82 -10.21 -23.04
CA LEU D 187 6.91 -10.73 -22.21
C LEU D 187 7.12 -12.23 -22.39
N ARG D 188 6.06 -12.99 -22.55
CA ARG D 188 6.24 -14.43 -22.72
C ARG D 188 6.96 -14.66 -24.02
N SER D 189 6.57 -13.93 -25.05
CA SER D 189 7.11 -14.08 -26.40
C SER D 189 8.57 -13.69 -26.48
N VAL D 190 9.06 -13.08 -25.43
CA VAL D 190 10.42 -12.60 -25.42
C VAL D 190 11.21 -13.30 -24.32
N ASP D 191 10.67 -14.44 -23.89
CA ASP D 191 11.29 -15.35 -22.95
C ASP D 191 11.47 -14.82 -21.54
N LEU D 192 10.53 -13.97 -21.13
CA LEU D 192 10.47 -13.53 -19.75
C LEU D 192 9.14 -13.96 -19.11
N ALA D 193 8.63 -15.09 -19.55
CA ALA D 193 7.39 -15.65 -19.00
C ALA D 193 7.40 -15.68 -17.46
N GLU D 194 8.54 -15.96 -16.85
CA GLU D 194 8.60 -16.06 -15.40
C GLU D 194 8.22 -14.76 -14.70
N TYR D 195 8.40 -13.62 -15.37
CA TYR D 195 8.18 -12.30 -14.77
C TYR D 195 6.84 -11.65 -15.14
N ALA D 196 6.21 -12.13 -16.21
CA ALA D 196 4.96 -11.52 -16.67
C ALA D 196 3.89 -11.41 -15.57
N PRO D 197 3.75 -12.45 -14.71
CA PRO D 197 2.68 -12.31 -13.72
C PRO D 197 2.97 -11.15 -12.79
N ASN D 198 4.22 -10.73 -12.71
CA ASN D 198 4.57 -9.67 -11.79
C ASN D 198 3.99 -8.32 -12.13
N LEU D 199 3.46 -8.15 -13.34
CA LEU D 199 2.91 -6.86 -13.76
C LEU D 199 1.43 -6.72 -13.44
N ARG D 200 0.83 -7.75 -12.84
CA ARG D 200 -0.58 -7.72 -12.53
C ARG D 200 -0.75 -6.70 -11.43
N GLY D 201 -1.67 -5.76 -11.58
CA GLY D 201 -1.85 -4.67 -10.62
C GLY D 201 -0.77 -3.58 -10.67
N SER D 202 0.04 -3.56 -11.72
CA SER D 202 1.19 -2.68 -11.77
C SER D 202 0.99 -1.37 -12.56
N GLY D 203 -0.13 -1.25 -13.27
CA GLY D 203 -0.36 -0.10 -14.13
C GLY D 203 0.44 -0.08 -15.42
N VAL D 204 1.23 -1.11 -15.69
CA VAL D 204 2.05 -1.16 -16.91
C VAL D 204 1.22 -1.52 -18.13
N HIS D 205 1.28 -0.68 -19.14
CA HIS D 205 0.57 -0.88 -20.39
C HIS D 205 1.33 -0.20 -21.52
N GLY D 206 0.87 -0.40 -22.75
CA GLY D 206 1.57 0.11 -23.91
C GLY D 206 1.82 1.60 -23.88
N GLY D 207 0.79 2.37 -23.57
CA GLY D 207 0.89 3.82 -23.53
C GLY D 207 2.00 4.27 -22.59
N LEU D 208 2.01 3.71 -21.39
CA LEU D 208 3.02 4.04 -20.41
C LEU D 208 4.38 3.79 -21.03
N MET D 209 4.54 2.60 -21.59
CA MET D 209 5.82 2.16 -22.14
C MET D 209 6.33 3.09 -23.23
N VAL D 210 5.44 3.48 -24.14
CA VAL D 210 5.82 4.27 -25.29
C VAL D 210 5.87 5.77 -25.01
N LEU D 211 4.87 6.31 -24.30
CA LEU D 211 4.73 7.77 -24.14
C LEU D 211 5.45 8.47 -22.95
N GLU D 212 5.70 7.79 -21.84
CA GLU D 212 6.41 8.41 -20.71
C GLU D 212 7.94 8.35 -20.77
N PRO D 213 8.62 9.46 -21.12
CA PRO D 213 10.10 9.47 -21.17
C PRO D 213 10.74 9.06 -19.85
N ARG D 214 10.03 9.24 -18.75
CA ARG D 214 10.51 8.85 -17.43
C ARG D 214 10.43 7.34 -17.23
N PHE D 215 9.63 6.63 -18.03
CA PHE D 215 9.50 5.16 -17.94
C PHE D 215 10.47 4.50 -18.90
N ASN D 216 11.44 3.77 -18.38
CA ASN D 216 12.49 3.21 -19.21
C ASN D 216 12.85 1.80 -18.74
N VAL D 217 13.97 1.25 -19.21
CA VAL D 217 14.27 -0.15 -18.95
C VAL D 217 14.41 -0.42 -17.46
N GLU D 218 15.13 0.45 -16.75
CA GLU D 218 15.22 0.41 -15.29
C GLU D 218 13.85 0.28 -14.65
N THR D 219 12.95 1.19 -14.97
CA THR D 219 11.60 1.10 -14.45
C THR D 219 11.00 -0.26 -14.76
N MET D 220 11.15 -0.73 -16.00
CA MET D 220 10.47 -1.96 -16.35
C MET D 220 11.08 -3.11 -15.54
N ALA D 221 12.39 -3.04 -15.31
CA ALA D 221 13.05 -4.11 -14.61
C ALA D 221 12.64 -4.19 -13.14
N GLN D 222 12.48 -3.03 -12.49
CA GLN D 222 12.04 -3.01 -11.12
C GLN D 222 10.66 -3.64 -11.00
N LEU D 223 9.76 -3.25 -11.90
CA LEU D 223 8.38 -3.64 -11.79
C LEU D 223 8.21 -5.13 -12.04
N LEU D 224 9.09 -5.68 -12.85
CA LEU D 224 9.14 -7.10 -13.15
C LEU D 224 9.86 -7.86 -12.05
N ASN D 225 10.47 -7.12 -11.13
CA ASN D 225 11.16 -7.72 -10.00
C ASN D 225 12.44 -8.45 -10.40
N ILE D 226 13.12 -7.93 -11.41
CA ILE D 226 14.42 -8.46 -11.78
C ILE D 226 15.45 -7.72 -10.93
N PRO D 227 16.13 -8.44 -10.03
CA PRO D 227 17.17 -7.85 -9.19
C PRO D 227 18.08 -6.99 -10.03
N PRO D 228 18.72 -5.99 -9.41
CA PRO D 228 19.62 -5.10 -10.17
C PRO D 228 20.92 -5.77 -10.64
N ASN D 229 21.29 -6.88 -10.02
CA ASN D 229 22.54 -7.56 -10.32
C ASN D 229 22.38 -8.62 -11.43
N LYS D 230 21.16 -8.83 -11.90
CA LYS D 230 20.91 -9.78 -12.99
C LYS D 230 21.11 -9.06 -14.32
N THR D 231 22.34 -8.58 -14.45
CA THR D 231 22.94 -8.06 -15.66
C THR D 231 22.52 -8.77 -16.95
N LEU D 232 22.58 -10.10 -16.97
CA LEU D 232 22.16 -10.88 -18.14
C LEU D 232 20.70 -10.68 -18.52
N LEU D 233 19.78 -10.89 -17.57
CA LEU D 233 18.37 -10.67 -17.85
C LEU D 233 18.12 -9.23 -18.30
N ARG D 234 18.70 -8.28 -17.57
CA ARG D 234 18.50 -6.87 -17.86
C ARG D 234 19.02 -6.52 -19.25
N ARG D 235 20.18 -7.06 -19.60
CA ARG D 235 20.69 -6.91 -20.95
C ARG D 235 19.68 -7.43 -22.00
N HIS D 236 19.22 -8.67 -21.85
CA HIS D 236 18.21 -9.23 -22.75
C HIS D 236 16.97 -8.34 -22.87
N LEU D 237 16.45 -7.91 -21.72
CA LEU D 237 15.25 -7.10 -21.68
C LEU D 237 15.48 -5.81 -22.44
N ALA D 238 16.66 -5.22 -22.31
CA ALA D 238 16.92 -3.95 -22.98
C ALA D 238 16.82 -4.12 -24.50
N THR D 239 17.49 -5.12 -25.04
CA THR D 239 17.35 -5.46 -26.47
C THR D 239 15.89 -5.49 -26.95
N HIS D 240 15.00 -6.11 -26.20
CA HIS D 240 13.65 -6.34 -26.70
C HIS D 240 12.68 -5.23 -26.42
N PHE D 241 12.83 -4.60 -25.27
CA PHE D 241 12.08 -3.41 -24.92
C PHE D 241 12.36 -2.33 -25.98
N ASN D 242 13.63 -2.12 -26.31
CA ASN D 242 13.96 -1.10 -27.30
C ASN D 242 13.38 -1.35 -28.70
N LEU D 243 13.33 -2.60 -29.13
CA LEU D 243 12.66 -2.93 -30.39
C LEU D 243 11.16 -2.68 -30.32
N LEU D 244 10.56 -2.86 -29.14
CA LEU D 244 9.13 -2.62 -29.01
C LEU D 244 8.80 -1.15 -29.21
N ILE D 245 9.43 -0.27 -28.45
CA ILE D 245 9.06 1.15 -28.43
C ILE D 245 9.50 1.92 -29.67
N GLY D 246 10.54 1.43 -30.33
CA GLY D 246 11.02 2.07 -31.55
C GLY D 246 11.93 3.28 -31.36
N ALA D 247 12.69 3.58 -32.41
CA ALA D 247 13.71 4.64 -32.37
C ALA D 247 13.30 5.95 -31.67
N GLU D 248 12.13 6.48 -32.01
CA GLU D 248 11.74 7.80 -31.50
C GLU D 248 11.69 7.80 -29.98
N ALA D 249 11.03 6.78 -29.43
CA ALA D 249 10.86 6.66 -28.00
C ALA D 249 12.16 6.29 -27.26
N GLN D 250 13.07 5.56 -27.90
CA GLN D 250 14.37 5.33 -27.29
C GLN D 250 15.04 6.66 -27.00
N HIS D 251 15.11 7.50 -28.02
CA HIS D 251 15.85 8.76 -27.96
C HIS D 251 15.22 9.65 -26.92
N GLN D 252 13.90 9.68 -26.95
CA GLN D 252 13.14 10.41 -25.99
C GLN D 252 13.57 10.02 -24.56
N LYS D 253 13.74 8.72 -24.30
CA LYS D 253 14.13 8.28 -22.95
C LYS D 253 15.62 8.51 -22.64
N ARG D 254 16.47 8.39 -23.64
CA ARG D 254 17.90 8.60 -23.46
C ARG D 254 18.16 10.09 -23.19
N ASP D 255 17.36 10.95 -23.80
CA ASP D 255 17.49 12.40 -23.58
C ASP D 255 17.02 12.77 -22.18
N ALA D 256 15.97 12.08 -21.70
CA ALA D 256 15.49 12.29 -20.33
C ALA D 256 16.56 11.99 -19.30
N MET D 257 17.34 10.95 -19.58
CA MET D 257 18.39 10.49 -18.69
C MET D 257 19.37 11.64 -18.38
N GLU D 258 19.57 12.53 -19.36
CA GLU D 258 20.47 13.69 -19.25
C GLU D 258 19.92 14.78 -18.33
N LEU D 259 18.62 14.77 -18.08
CA LEU D 259 18.04 15.74 -17.16
C LEU D 259 17.38 14.99 -16.01
N PRO D 260 18.15 14.83 -14.92
CA PRO D 260 17.74 14.15 -13.72
C PRO D 260 16.42 14.72 -13.25
N ASP D 261 15.44 13.85 -13.04
CA ASP D 261 14.11 14.19 -12.57
C ASP D 261 14.16 14.58 -11.09
N TYR D 262 14.74 15.74 -10.80
CA TYR D 262 14.89 16.23 -9.44
C TYR D 262 13.55 16.41 -8.74
N VAL D 263 13.59 16.48 -7.42
CA VAL D 263 12.37 16.46 -6.61
C VAL D 263 12.00 17.90 -6.27
N LEU D 264 13.01 18.74 -6.25
CA LEU D 264 12.83 20.13 -5.92
C LEU D 264 13.73 20.87 -6.88
N LEU D 265 13.14 21.76 -7.69
CA LEU D 265 13.93 22.65 -8.58
C LEU D 265 14.87 23.56 -7.79
C1 GOL E . -62.77 30.46 39.65
O1 GOL E . -63.63 31.17 38.79
C2 GOL E . -62.04 31.41 40.59
O2 GOL E . -61.39 32.42 39.86
C3 GOL E . -61.02 30.68 41.46
O3 GOL E . -61.59 29.57 42.12
C1 GOL F . 55.68 -49.57 -31.18
O1 GOL F . 54.74 -50.28 -30.40
C2 GOL F . 56.39 -48.50 -30.33
O2 GOL F . 56.92 -49.06 -29.14
C3 GOL F . 57.44 -47.78 -31.19
O3 GOL F . 58.39 -47.08 -30.41
C1 GOL G . -6.98 20.35 -20.04
O1 GOL G . -6.24 19.22 -19.63
C2 GOL G . -8.08 20.52 -19.02
O2 GOL G . -8.36 19.21 -18.56
C3 GOL G . -9.32 21.20 -19.60
O3 GOL G . -9.22 22.61 -19.53
C1 GOL H . 18.95 20.70 -8.56
O1 GOL H . 18.99 19.49 -7.85
C2 GOL H . 19.17 21.81 -7.54
O2 GOL H . 18.10 21.81 -6.61
C3 GOL H . 19.33 23.16 -8.25
O3 GOL H . 20.39 23.09 -9.17
C1 GOL I . 8.59 -18.65 -26.77
O1 GOL I . 9.63 -18.61 -25.79
C2 GOL I . 9.26 -18.27 -28.11
O2 GOL I . 10.33 -17.32 -27.88
C3 GOL I . 8.24 -17.68 -29.11
O3 GOL I . 9.02 -17.24 -30.23
#